data_4ARC
#
_entry.id   4ARC
#
_cell.length_a   77.080
_cell.length_b   119.370
_cell.length_c   141.100
_cell.angle_alpha   90.00
_cell.angle_beta   90.00
_cell.angle_gamma   90.00
#
_symmetry.space_group_name_H-M   'P 21 21 21'
#
loop_
_entity.id
_entity.type
_entity.pdbx_description
1 polymer 'LEUCINE--TRNA LIGASE'
2 polymer 'TRNA-LEU5 (UAA ISOACCEPTOR)'
3 non-polymer LEUCINE
4 non-polymer 'MAGNESIUM ION'
5 water water
#
loop_
_entity_poly.entity_id
_entity_poly.type
_entity_poly.pdbx_seq_one_letter_code
_entity_poly.pdbx_strand_id
1 'polypeptide(L)'
;MGSSHHHHHHSSGLVPRGSHMQEQYRPEEIESKVQLHWDEKRTFEVTEDESKEKYYCLSMLPYPSGRLHMGHVRNYTIGD
VIARYQRMLGKNVLQPIGWDAFGLPAEGAAVKNNTAPAPWTYDNIAYMKNQLKMLGFGYDWSRELATCTPEYYRWEQKFF
TELYKKGLVYKKTSAVNWCPNDQTVLANEQVIDGCCWRCDTKVERKEIPQWFIKITAYADELLNDLDKLDHWPDTVKTMQ
RNWIGRSEGVEITFNVNDYDNTLTVYTTRPDTFMGCTYLAVAAGHPLAQKAAENNPELAAFIDECRNTKVAEAEMATMEK
KGVDTGFKAVHPLTGEEIPVWAANFVLMEYGTGAVMAVPGHDQRDYEFASKYGLNIKPVILAADGSEPDLSQQALTEKGV
LFNSGEFNGLDHEAAFNAIADKLTAMGVGERKVNYRLRDWGVSRQRYWGAPIPMVTLEDGTVMPTPDDQLPVILPEDVVM
DGITSPIKADPEWAKTTVNGMPALRETDTFDTFMESSWYYARYTCPQYKEGMLDSEAANYWLPVDIYIGGIEHAIMHLLY
FRFFHKLMRDAGMVNSDEPAKQLLCQGMVLADAFYYVGENGERNWVSPVDAIVERDEKGRIVKAKDAAGHELVYTGMSKM
SKSKNNGIDPQVMVERYGADTVRLFMMFASPADMTLEWQESGVEGANRFLKRVWKLVYEHTAKGDVAALNVDALTENQKA
LRRDVHKTIAKVTDDIGRRQTFNTAIAAIMELMNKLAKAPTDGEQDRALMQEALLAVVRMLNPFTPHICFTLWQELKGEG
DIDNAPWPVADEKAMVEDSTLVVVQVNGKVRAKITVPVDATEEQVRERAGQEHLVAKYLDGVTVRKVIYVPGKLLNLVVG
;
A
2 'polyribonucleotide'
;GCCCGGAUGGUGGAAUCGGUAGACACAAGGGAUUUAAAAUCCCUCGGCGUUCGCGCUGUGCGGGUUCAAGUCCCGCUCCG
GGUACCA
;
B
#
# COMPACT_ATOMS: atom_id res chain seq x y z
N MET A 21 20.01 -27.62 -27.74
CA MET A 21 19.72 -27.07 -26.38
C MET A 21 20.86 -27.43 -25.42
N GLN A 22 21.37 -26.46 -24.65
CA GLN A 22 22.40 -26.71 -23.63
C GLN A 22 21.90 -27.57 -22.45
N GLU A 23 22.74 -28.47 -21.93
CA GLU A 23 22.31 -29.36 -20.87
C GLU A 23 22.19 -28.58 -19.57
N GLN A 24 23.05 -27.60 -19.40
CA GLN A 24 23.10 -26.84 -18.16
C GLN A 24 22.29 -25.53 -18.27
N TYR A 25 21.48 -25.28 -17.23
CA TYR A 25 20.77 -24.01 -17.08
C TYR A 25 21.78 -23.00 -16.57
N ARG A 26 22.01 -21.97 -17.33
CA ARG A 26 22.99 -20.93 -16.99
C ARG A 26 22.34 -19.54 -17.07
N PRO A 27 21.76 -19.05 -15.97
CA PRO A 27 21.07 -17.76 -16.08
C PRO A 27 21.97 -16.66 -16.65
N GLU A 28 23.26 -16.74 -16.36
CA GLU A 28 24.24 -15.82 -16.96
C GLU A 28 24.30 -15.87 -18.51
N GLU A 29 24.05 -17.01 -19.13
CA GLU A 29 24.07 -17.07 -20.59
C GLU A 29 22.72 -16.72 -21.26
N ILE A 30 21.68 -16.47 -20.47
CA ILE A 30 20.32 -16.38 -20.97
C ILE A 30 19.72 -15.02 -20.67
N GLU A 31 19.88 -14.56 -19.43
CA GLU A 31 19.06 -13.43 -18.98
C GLU A 31 19.35 -12.16 -19.77
N SER A 32 20.61 -11.81 -19.95
CA SER A 32 20.96 -10.56 -20.61
C SER A 32 20.64 -10.61 -22.08
N LYS A 33 20.69 -11.78 -22.69
CA LYS A 33 20.31 -11.91 -24.09
C LYS A 33 18.83 -11.69 -24.28
N VAL A 34 18.02 -12.34 -23.46
CA VAL A 34 16.56 -12.10 -23.52
C VAL A 34 16.20 -10.63 -23.27
N GLN A 35 16.86 -10.04 -22.28
CA GLN A 35 16.64 -8.62 -21.93
C GLN A 35 16.97 -7.70 -23.09
N LEU A 36 18.09 -7.97 -23.80
CA LEU A 36 18.42 -7.17 -25.01
C LEU A 36 17.35 -7.32 -26.09
N HIS A 37 16.81 -8.54 -26.26
CA HIS A 37 15.75 -8.78 -27.22
C HIS A 37 14.50 -7.96 -26.91
N TRP A 38 14.14 -7.86 -25.64
CA TRP A 38 13.04 -6.98 -25.25
C TRP A 38 13.31 -5.55 -25.55
N ASP A 39 14.54 -5.11 -25.39
CA ASP A 39 14.89 -3.75 -25.76
C ASP A 39 14.88 -3.59 -27.30
N GLU A 40 15.51 -4.51 -28.01
CA GLU A 40 15.60 -4.40 -29.46
C GLU A 40 14.24 -4.43 -30.13
N LYS A 41 13.39 -5.35 -29.68
CA LYS A 41 12.08 -5.45 -30.28
C LYS A 41 11.06 -4.49 -29.66
N ARG A 42 11.45 -3.80 -28.59
CA ARG A 42 10.48 -2.90 -27.92
C ARG A 42 9.18 -3.64 -27.53
N THR A 43 9.34 -4.85 -27.02
CA THR A 43 8.26 -5.81 -26.75
C THR A 43 7.15 -5.16 -25.92
N PHE A 44 7.57 -4.41 -24.91
CA PHE A 44 6.63 -3.89 -23.93
C PHE A 44 6.17 -2.45 -24.18
N GLU A 45 6.53 -1.91 -25.34
CA GLU A 45 6.04 -0.60 -25.72
C GLU A 45 4.67 -0.68 -26.31
N VAL A 46 3.78 0.18 -25.86
CA VAL A 46 2.42 0.08 -26.30
C VAL A 46 1.87 1.43 -26.70
N THR A 47 0.80 1.42 -27.49
CA THR A 47 0.10 2.64 -27.90
C THR A 47 -1.34 2.57 -27.47
N GLU A 48 -2.12 3.61 -27.75
CA GLU A 48 -3.54 3.66 -27.38
C GLU A 48 -4.41 3.00 -28.42
N ASP A 49 -4.39 1.69 -28.44
CA ASP A 49 -5.04 0.93 -29.47
C ASP A 49 -6.48 0.60 -29.10
N GLU A 50 -7.39 1.26 -29.80
CA GLU A 50 -8.79 1.15 -29.51
C GLU A 50 -9.30 -0.17 -29.98
N SER A 51 -8.55 -0.98 -30.72
CA SER A 51 -9.10 -2.29 -31.01
C SER A 51 -8.76 -3.36 -29.96
N LYS A 52 -8.04 -2.99 -28.91
CA LYS A 52 -7.72 -3.93 -27.84
C LYS A 52 -8.26 -3.44 -26.52
N GLU A 53 -8.49 -4.36 -25.61
CA GLU A 53 -8.87 -4.04 -24.27
C GLU A 53 -7.61 -3.65 -23.50
N LYS A 54 -7.63 -2.49 -22.85
CA LYS A 54 -6.48 -1.97 -22.13
C LYS A 54 -6.38 -2.58 -20.73
N TYR A 55 -5.16 -2.59 -20.19
CA TYR A 55 -4.94 -2.89 -18.78
C TYR A 55 -3.76 -2.05 -18.36
N TYR A 56 -3.93 -1.27 -17.31
CA TYR A 56 -2.87 -0.41 -16.80
C TYR A 56 -2.47 -0.96 -15.42
N CYS A 57 -1.26 -1.50 -15.36
CA CYS A 57 -0.70 -2.07 -14.16
C CYS A 57 0.37 -1.16 -13.68
N LEU A 58 0.18 -0.57 -12.49
CA LEU A 58 1.12 0.43 -12.02
C LEU A 58 1.72 0.03 -10.69
N SER A 59 3.06 0.09 -10.58
CA SER A 59 3.78 0.06 -9.32
C SER A 59 4.31 1.44 -8.91
N MET A 60 4.27 1.70 -7.61
CA MET A 60 4.73 2.93 -7.04
C MET A 60 6.19 3.21 -7.46
N LEU A 61 6.42 4.34 -8.12
CA LEU A 61 7.78 4.62 -8.71
C LEU A 61 8.86 4.85 -7.58
N PRO A 62 10.08 4.38 -7.78
CA PRO A 62 11.09 4.43 -6.71
C PRO A 62 11.74 5.80 -6.57
N TYR A 63 12.25 6.11 -5.39
CA TYR A 63 13.15 7.25 -5.18
C TYR A 63 14.49 6.73 -5.70
N PRO A 64 15.24 7.51 -6.50
CA PRO A 64 16.59 7.10 -6.98
C PRO A 64 17.68 7.27 -5.90
N SER A 65 17.64 6.37 -4.92
CA SER A 65 18.46 6.45 -3.71
C SER A 65 19.84 5.87 -3.90
N GLY A 66 20.01 4.92 -4.81
CA GLY A 66 21.33 4.34 -5.08
C GLY A 66 21.23 2.94 -5.61
N ARG A 67 20.46 2.11 -4.93
CA ARG A 67 20.26 0.75 -5.33
C ARG A 67 18.91 0.28 -4.90
N LEU A 68 18.43 -0.72 -5.59
CA LEU A 68 17.17 -1.36 -5.27
C LEU A 68 17.33 -2.07 -3.94
N HIS A 69 16.27 -2.06 -3.14
CA HIS A 69 16.20 -2.89 -1.92
C HIS A 69 15.20 -4.01 -2.18
N MET A 70 15.11 -4.95 -1.26
CA MET A 70 14.15 -6.09 -1.45
C MET A 70 12.67 -5.75 -1.59
N GLY A 71 12.20 -4.74 -0.89
CA GLY A 71 10.81 -4.26 -1.06
C GLY A 71 10.51 -3.75 -2.47
N HIS A 72 11.49 -3.13 -3.15
CA HIS A 72 11.33 -2.79 -4.56
C HIS A 72 11.18 -4.03 -5.34
N VAL A 73 12.04 -5.02 -5.09
CA VAL A 73 12.00 -6.24 -5.90
C VAL A 73 10.66 -6.96 -5.77
N ARG A 74 10.16 -7.04 -4.54
CA ARG A 74 8.86 -7.66 -4.33
C ARG A 74 7.71 -6.89 -5.00
N ASN A 75 7.64 -5.57 -4.76
CA ASN A 75 6.65 -4.72 -5.40
C ASN A 75 6.66 -4.85 -6.96
N TYR A 76 7.82 -4.82 -7.55
CA TYR A 76 7.87 -4.71 -9.00
C TYR A 76 7.73 -6.09 -9.60
N THR A 77 8.11 -7.15 -8.88
CA THR A 77 7.87 -8.48 -9.32
C THR A 77 6.39 -8.78 -9.36
N ILE A 78 5.68 -8.36 -8.33
CA ILE A 78 4.24 -8.53 -8.34
C ILE A 78 3.57 -7.82 -9.56
N GLY A 79 3.88 -6.55 -9.80
CA GLY A 79 3.33 -5.85 -11.02
C GLY A 79 3.68 -6.55 -12.32
N ASP A 80 4.91 -7.02 -12.42
CA ASP A 80 5.36 -7.65 -13.67
C ASP A 80 4.69 -8.99 -13.94
N VAL A 81 4.48 -9.78 -12.86
CA VAL A 81 3.70 -10.98 -12.99
C VAL A 81 2.36 -10.63 -13.60
N ILE A 82 1.68 -9.64 -13.05
CA ILE A 82 0.35 -9.29 -13.49
C ILE A 82 0.36 -8.73 -14.94
N ALA A 83 1.30 -7.82 -15.20
CA ALA A 83 1.43 -7.21 -16.50
C ALA A 83 1.65 -8.31 -17.58
N ARG A 84 2.48 -9.27 -17.31
CA ARG A 84 2.82 -10.28 -18.31
C ARG A 84 1.68 -11.26 -18.50
N TYR A 85 1.00 -11.58 -17.40
CA TYR A 85 -0.17 -12.42 -17.46
C TYR A 85 -1.31 -11.76 -18.31
N GLN A 86 -1.61 -10.52 -18.03
CA GLN A 86 -2.68 -9.81 -18.73
C GLN A 86 -2.38 -9.66 -20.24
N ARG A 87 -1.10 -9.54 -20.58
CA ARG A 87 -0.70 -9.53 -21.96
C ARG A 87 -0.99 -10.86 -22.61
N MET A 88 -0.71 -11.96 -21.91
CA MET A 88 -0.98 -13.30 -22.45
C MET A 88 -2.50 -13.62 -22.56
N LEU A 89 -3.33 -12.93 -21.77
CA LEU A 89 -4.77 -12.94 -21.93
C LEU A 89 -5.24 -12.13 -23.15
N GLY A 90 -4.35 -11.35 -23.77
CA GLY A 90 -4.69 -10.59 -24.98
C GLY A 90 -5.00 -9.15 -24.73
N LYS A 91 -4.73 -8.64 -23.51
CA LYS A 91 -4.92 -7.21 -23.28
C LYS A 91 -3.72 -6.38 -23.74
N ASN A 92 -3.95 -5.08 -23.90
CA ASN A 92 -2.97 -4.09 -24.27
C ASN A 92 -2.52 -3.44 -22.99
N VAL A 93 -1.38 -3.87 -22.51
CA VAL A 93 -0.96 -3.61 -21.13
C VAL A 93 0.09 -2.56 -21.02
N LEU A 94 -0.21 -1.48 -20.30
CA LEU A 94 0.76 -0.46 -19.98
C LEU A 94 1.38 -0.77 -18.60
N GLN A 95 2.71 -0.92 -18.57
CA GLN A 95 3.43 -1.04 -17.30
C GLN A 95 4.61 -0.09 -17.34
N PRO A 96 4.46 1.10 -16.75
CA PRO A 96 5.44 2.16 -16.79
C PRO A 96 6.35 2.24 -15.57
N ILE A 97 7.52 2.83 -15.77
CA ILE A 97 8.53 3.02 -14.71
C ILE A 97 9.04 4.44 -14.83
N GLY A 98 9.55 4.95 -13.72
CA GLY A 98 10.05 6.30 -13.63
C GLY A 98 10.70 6.56 -12.29
N TRP A 99 11.10 7.81 -12.03
CA TRP A 99 11.94 8.17 -10.85
C TRP A 99 11.45 9.38 -10.12
N ASP A 100 11.16 9.23 -8.82
CA ASP A 100 10.60 10.30 -7.96
C ASP A 100 11.85 10.95 -7.43
N ALA A 101 12.33 11.96 -8.15
CA ALA A 101 13.78 12.26 -8.16
C ALA A 101 14.18 13.47 -7.33
N PHE A 102 13.25 14.38 -7.04
CA PHE A 102 13.52 15.45 -6.09
C PHE A 102 13.48 14.96 -4.65
N GLY A 103 13.85 15.83 -3.70
CA GLY A 103 13.76 15.56 -2.26
C GLY A 103 15.06 15.77 -1.50
N LEU A 104 14.99 15.71 -0.17
CA LEU A 104 16.18 15.90 0.71
C LEU A 104 17.40 14.97 0.52
N PRO A 105 17.19 13.66 0.42
CA PRO A 105 18.37 12.76 0.40
C PRO A 105 19.52 13.20 -0.53
N ALA A 106 19.21 13.74 -1.73
CA ALA A 106 20.28 14.16 -2.68
C ALA A 106 21.09 15.36 -2.17
N GLU A 107 20.43 16.24 -1.40
CA GLU A 107 21.12 17.35 -0.78
C GLU A 107 22.11 16.85 0.25
N GLY A 108 21.71 15.90 1.08
CA GLY A 108 22.65 15.25 2.01
C GLY A 108 23.87 14.71 1.31
N ALA A 109 23.63 14.01 0.21
CA ALA A 109 24.67 13.27 -0.47
C ALA A 109 25.55 14.24 -1.26
N ALA A 110 24.95 15.22 -1.94
CA ALA A 110 25.75 16.25 -2.63
C ALA A 110 26.75 16.81 -1.65
N VAL A 111 26.24 17.26 -0.51
CA VAL A 111 27.10 17.79 0.56
C VAL A 111 28.20 16.78 0.91
N LYS A 112 27.84 15.60 1.37
CA LYS A 112 28.86 14.63 1.79
C LYS A 112 29.90 14.35 0.69
N ASN A 113 29.49 14.38 -0.58
CA ASN A 113 30.41 14.08 -1.67
C ASN A 113 30.93 15.36 -2.31
N ASN A 114 31.61 15.24 -3.45
CA ASN A 114 32.18 16.44 -4.13
C ASN A 114 31.16 17.18 -4.99
N THR A 115 29.87 16.98 -4.75
CA THR A 115 28.89 17.06 -5.83
C THR A 115 27.68 17.97 -5.60
N ALA A 116 26.80 17.89 -6.59
CA ALA A 116 25.55 18.57 -6.59
C ALA A 116 24.42 17.50 -6.63
N PRO A 117 23.24 17.85 -6.13
CA PRO A 117 22.11 16.92 -6.20
C PRO A 117 21.80 16.29 -7.59
N ALA A 118 21.79 17.09 -8.67
CA ALA A 118 21.44 16.59 -10.00
C ALA A 118 22.33 15.47 -10.45
N PRO A 119 23.66 15.71 -10.55
CA PRO A 119 24.51 14.63 -11.03
C PRO A 119 24.46 13.36 -10.18
N TRP A 120 24.36 13.50 -8.89
CA TRP A 120 24.18 12.34 -7.98
C TRP A 120 22.89 11.58 -8.30
N THR A 121 21.81 12.33 -8.53
CA THR A 121 20.51 11.75 -8.91
C THR A 121 20.59 11.06 -10.22
N TYR A 122 21.17 11.71 -11.22
CA TYR A 122 21.25 11.08 -12.49
C TYR A 122 22.10 9.83 -12.51
N ASP A 123 23.18 9.81 -11.72
CA ASP A 123 24.01 8.60 -11.64
C ASP A 123 23.19 7.45 -10.98
N ASN A 124 22.44 7.78 -9.94
CA ASN A 124 21.61 6.78 -9.21
C ASN A 124 20.50 6.22 -10.16
N ILE A 125 19.87 7.05 -10.98
CA ILE A 125 18.93 6.58 -11.96
C ILE A 125 19.56 5.56 -12.90
N ALA A 126 20.73 5.87 -13.45
CA ALA A 126 21.38 4.94 -14.38
C ALA A 126 21.65 3.59 -13.76
N TYR A 127 22.16 3.63 -12.55
CA TYR A 127 22.51 2.41 -11.85
C TYR A 127 21.26 1.54 -11.53
N MET A 128 20.22 2.20 -11.05
CA MET A 128 19.02 1.48 -10.67
C MET A 128 18.21 1.03 -11.89
N LYS A 129 18.25 1.81 -12.96
CA LYS A 129 17.66 1.43 -14.23
C LYS A 129 18.28 0.11 -14.73
N ASN A 130 19.60 0.04 -14.67
CA ASN A 130 20.27 -1.18 -15.06
C ASN A 130 19.82 -2.34 -14.16
N GLN A 131 19.65 -2.10 -12.86
CA GLN A 131 19.20 -3.21 -11.95
C GLN A 131 17.80 -3.73 -12.34
N LEU A 132 16.92 -2.78 -12.65
CA LEU A 132 15.58 -3.14 -13.03
C LEU A 132 15.58 -3.93 -14.32
N LYS A 133 16.46 -3.58 -15.29
CA LYS A 133 16.53 -4.36 -16.53
C LYS A 133 17.07 -5.77 -16.28
N MET A 134 18.01 -5.90 -15.33
CA MET A 134 18.58 -7.20 -14.96
C MET A 134 17.58 -8.11 -14.26
N LEU A 135 16.55 -7.52 -13.69
CA LEU A 135 15.46 -8.31 -13.13
C LEU A 135 14.42 -8.69 -14.24
N GLY A 136 14.53 -8.08 -15.42
CA GLY A 136 13.62 -8.35 -16.53
C GLY A 136 12.19 -7.93 -16.34
N PHE A 137 11.99 -6.79 -15.69
CA PHE A 137 10.64 -6.24 -15.64
C PHE A 137 10.29 -5.64 -17.02
N GLY A 138 9.15 -6.05 -17.58
CA GLY A 138 8.73 -5.62 -18.95
C GLY A 138 8.06 -4.27 -18.96
N TYR A 139 8.87 -3.23 -18.80
CA TYR A 139 8.39 -1.86 -18.74
C TYR A 139 8.31 -1.26 -20.14
N ASP A 140 7.36 -0.36 -20.36
CA ASP A 140 7.37 0.51 -21.55
C ASP A 140 8.39 1.61 -21.34
N TRP A 141 9.66 1.33 -21.68
CA TRP A 141 10.71 2.28 -21.45
C TRP A 141 10.59 3.55 -22.21
N SER A 142 9.86 3.57 -23.30
CA SER A 142 9.65 4.80 -24.02
C SER A 142 8.84 5.77 -23.15
N ARG A 143 8.15 5.28 -22.10
CA ARG A 143 7.37 6.21 -21.28
C ARG A 143 8.04 6.59 -19.95
N GLU A 144 9.31 6.29 -19.84
CA GLU A 144 10.05 6.47 -18.60
C GLU A 144 10.19 7.95 -18.28
N LEU A 145 9.94 8.32 -17.03
CA LEU A 145 9.94 9.75 -16.66
C LEU A 145 10.83 9.93 -15.46
N ALA A 146 11.59 11.03 -15.40
CA ALA A 146 12.29 11.37 -14.18
C ALA A 146 11.71 12.71 -13.73
N THR A 147 11.19 12.75 -12.51
CA THR A 147 10.41 13.92 -12.05
C THR A 147 11.21 15.19 -11.85
N CYS A 148 12.55 15.07 -11.76
CA CYS A 148 13.36 16.25 -11.56
C CYS A 148 13.68 17.02 -12.85
N THR A 149 13.17 16.59 -14.01
CA THR A 149 13.50 17.21 -15.29
C THR A 149 12.45 18.26 -15.59
N PRO A 150 12.84 19.36 -16.26
CA PRO A 150 11.85 20.39 -16.54
C PRO A 150 10.79 19.94 -17.48
N GLU A 151 11.08 18.99 -18.33
CA GLU A 151 10.03 18.50 -19.18
C GLU A 151 8.93 17.82 -18.37
N TYR A 152 9.27 17.33 -17.18
CA TYR A 152 8.22 16.85 -16.24
C TYR A 152 7.69 18.00 -15.40
N TYR A 153 8.51 18.60 -14.54
CA TYR A 153 7.95 19.58 -13.59
C TYR A 153 7.31 20.85 -14.15
N ARG A 154 7.62 21.25 -15.39
CA ARG A 154 6.93 22.42 -15.90
C ARG A 154 5.42 22.31 -15.80
N TRP A 155 4.88 21.09 -15.87
CA TRP A 155 3.44 20.91 -15.93
C TRP A 155 2.84 21.09 -14.60
N GLU A 156 3.52 20.69 -13.56
CA GLU A 156 2.97 20.95 -12.23
C GLU A 156 3.07 22.44 -11.89
N GLN A 157 4.07 23.14 -12.44
CA GLN A 157 4.11 24.63 -12.31
C GLN A 157 2.96 25.27 -13.01
N LYS A 158 2.70 24.87 -14.24
CA LYS A 158 1.56 25.42 -15.00
C LYS A 158 0.23 25.09 -14.29
N PHE A 159 0.09 23.85 -13.84
CA PHE A 159 -1.18 23.47 -13.17
C PHE A 159 -1.38 24.26 -11.86
N PHE A 160 -0.32 24.43 -11.09
CA PHE A 160 -0.37 25.28 -9.91
C PHE A 160 -0.86 26.71 -10.18
N THR A 161 -0.42 27.32 -11.28
CA THR A 161 -0.95 28.67 -11.60
C THR A 161 -2.47 28.60 -11.92
N GLU A 162 -2.90 27.55 -12.60
CA GLU A 162 -4.32 27.27 -12.89
C GLU A 162 -5.12 27.13 -11.59
N LEU A 163 -4.60 26.35 -10.64
CA LEU A 163 -5.22 26.19 -9.36
C LEU A 163 -5.34 27.54 -8.65
N TYR A 164 -4.30 28.36 -8.77
CA TYR A 164 -4.31 29.62 -8.11
C TYR A 164 -5.45 30.50 -8.69
N LYS A 165 -5.65 30.42 -10.02
CA LYS A 165 -6.68 31.20 -10.69
C LYS A 165 -8.05 30.68 -10.38
N LYS A 166 -8.14 29.39 -10.08
CA LYS A 166 -9.42 28.80 -9.65
C LYS A 166 -9.77 29.09 -8.19
N GLY A 167 -8.90 29.72 -7.42
CA GLY A 167 -9.27 30.03 -6.02
C GLY A 167 -8.86 28.96 -5.02
N LEU A 168 -8.01 28.02 -5.42
CA LEU A 168 -7.76 26.86 -4.61
C LEU A 168 -6.38 26.90 -3.97
N VAL A 169 -5.68 28.02 -4.12
CA VAL A 169 -4.35 28.16 -3.56
C VAL A 169 -4.24 29.46 -2.80
N TYR A 170 -3.58 29.45 -1.64
CA TYR A 170 -3.39 30.69 -0.90
C TYR A 170 -2.13 30.64 -0.04
N LYS A 171 -1.65 31.82 0.34
CA LYS A 171 -0.46 32.00 1.19
C LYS A 171 -0.89 32.33 2.59
N LYS A 172 -0.19 31.78 3.58
CA LYS A 172 -0.55 32.03 4.98
C LYS A 172 0.66 31.68 5.83
N THR A 173 0.83 32.37 6.96
CA THR A 173 1.88 32.02 7.89
C THR A 173 1.33 30.99 8.86
N SER A 174 1.98 29.84 8.92
CA SER A 174 1.60 28.73 9.82
C SER A 174 2.88 28.10 10.30
N ALA A 175 2.79 27.12 11.21
CA ALA A 175 3.98 26.45 11.72
C ALA A 175 3.90 24.96 11.53
N VAL A 176 4.90 24.37 10.87
CA VAL A 176 5.08 22.90 10.92
C VAL A 176 6.56 22.54 10.98
N GLU A 207 7.24 28.46 12.29
CA GLU A 207 6.25 29.35 11.69
C GLU A 207 6.83 30.27 10.62
N ILE A 208 6.70 29.88 9.33
CA ILE A 208 7.04 30.75 8.17
C ILE A 208 5.88 30.79 7.17
N PRO A 209 5.91 31.75 6.21
CA PRO A 209 4.85 31.78 5.20
C PRO A 209 4.96 30.58 4.29
N GLN A 210 3.81 30.05 3.88
CA GLN A 210 3.75 28.86 3.06
C GLN A 210 2.63 28.99 2.05
N TRP A 211 2.76 28.25 0.95
CA TRP A 211 1.68 28.11 0.01
C TRP A 211 0.87 26.86 0.32
N PHE A 212 -0.44 27.01 0.25
CA PHE A 212 -1.40 25.97 0.58
C PHE A 212 -2.32 25.70 -0.60
N ILE A 213 -2.61 24.42 -0.81
CA ILE A 213 -3.65 24.00 -1.76
C ILE A 213 -4.82 23.57 -0.89
N LYS A 214 -6.01 24.00 -1.30
CA LYS A 214 -7.25 23.81 -0.52
C LYS A 214 -7.85 22.37 -0.66
N ILE A 215 -7.16 21.38 -0.12
CA ILE A 215 -7.67 20.02 -0.14
C ILE A 215 -9.00 19.89 0.64
N THR A 216 -9.22 20.77 1.59
CA THR A 216 -10.45 20.71 2.38
C THR A 216 -11.68 21.05 1.50
N ALA A 217 -11.51 21.71 0.35
CA ALA A 217 -12.66 21.88 -0.55
C ALA A 217 -13.12 20.55 -1.18
N TYR A 218 -12.32 19.49 -1.05
CA TYR A 218 -12.69 18.20 -1.61
C TYR A 218 -12.86 17.15 -0.53
N ALA A 219 -12.94 17.56 0.73
CA ALA A 219 -13.02 16.61 1.85
C ALA A 219 -14.17 15.66 1.72
N ASP A 220 -15.37 16.20 1.50
CA ASP A 220 -16.56 15.38 1.48
C ASP A 220 -16.51 14.42 0.29
N GLU A 221 -16.00 14.88 -0.86
CA GLU A 221 -15.84 13.96 -1.98
C GLU A 221 -14.78 12.92 -1.66
N LEU A 222 -13.65 13.31 -1.09
CA LEU A 222 -12.64 12.26 -0.76
C LEU A 222 -13.23 11.19 0.20
N LEU A 223 -14.07 11.66 1.10
CA LEU A 223 -14.72 10.78 2.05
C LEU A 223 -15.79 9.89 1.39
N ASN A 224 -16.76 10.49 0.68
CA ASN A 224 -17.87 9.76 0.06
C ASN A 224 -17.33 8.69 -0.88
N ASP A 225 -16.33 9.07 -1.69
CA ASP A 225 -15.81 8.17 -2.72
C ASP A 225 -15.12 6.91 -2.25
N LEU A 226 -14.70 6.89 -0.99
CA LEU A 226 -14.22 5.67 -0.36
C LEU A 226 -15.20 4.51 -0.54
N ASP A 227 -16.49 4.81 -0.58
CA ASP A 227 -17.50 3.73 -0.79
C ASP A 227 -17.58 3.20 -2.21
N LYS A 228 -17.01 3.92 -3.16
CA LYS A 228 -16.84 3.37 -4.50
C LYS A 228 -15.59 2.49 -4.61
N LEU A 229 -14.69 2.50 -3.63
CA LEU A 229 -13.40 1.77 -3.78
C LEU A 229 -13.44 0.37 -3.16
N ASP A 230 -14.29 -0.49 -3.72
CA ASP A 230 -14.46 -1.85 -3.20
C ASP A 230 -13.17 -2.62 -3.30
N HIS A 231 -12.28 -2.29 -4.24
CA HIS A 231 -11.08 -3.11 -4.38
C HIS A 231 -9.86 -2.48 -3.78
N TRP A 232 -10.07 -1.55 -2.87
CA TRP A 232 -9.03 -1.09 -1.98
C TRP A 232 -9.15 -1.76 -0.63
N PRO A 233 -8.03 -1.98 0.05
CA PRO A 233 -8.20 -2.63 1.35
C PRO A 233 -8.88 -1.73 2.37
N ASP A 234 -9.74 -2.35 3.17
CA ASP A 234 -10.47 -1.66 4.22
C ASP A 234 -9.57 -0.92 5.13
N THR A 235 -8.36 -1.43 5.38
CA THR A 235 -7.45 -0.76 6.30
C THR A 235 -7.02 0.59 5.76
N VAL A 236 -6.73 0.64 4.45
CA VAL A 236 -6.38 1.95 3.83
C VAL A 236 -7.55 2.94 3.84
N LYS A 237 -8.74 2.46 3.47
CA LYS A 237 -9.95 3.30 3.47
C LYS A 237 -10.25 3.83 4.89
N THR A 238 -10.12 2.96 5.90
CA THR A 238 -10.33 3.37 7.33
C THR A 238 -9.32 4.37 7.72
N MET A 239 -8.06 4.15 7.36
CA MET A 239 -7.04 5.19 7.63
C MET A 239 -7.32 6.55 7.03
N GLN A 240 -7.72 6.59 5.75
CA GLN A 240 -8.12 7.88 5.17
C GLN A 240 -9.40 8.46 5.81
N ARG A 241 -10.39 7.64 6.11
CA ARG A 241 -11.60 8.16 6.83
C ARG A 241 -11.19 8.84 8.11
N ASN A 242 -10.40 8.13 8.92
CA ASN A 242 -9.93 8.70 10.19
C ASN A 242 -9.09 9.97 10.02
N TRP A 243 -8.23 9.99 9.00
CA TRP A 243 -7.38 11.15 8.73
C TRP A 243 -8.19 12.35 8.33
N ILE A 244 -9.20 12.16 7.49
CA ILE A 244 -10.06 13.28 7.05
C ILE A 244 -10.86 13.74 8.30
N GLY A 245 -11.39 12.77 9.05
CA GLY A 245 -11.96 13.01 10.38
C GLY A 245 -13.12 13.97 10.41
N ARG A 246 -14.15 13.68 9.64
CA ARG A 246 -15.31 14.54 9.66
C ARG A 246 -15.98 14.28 11.01
N SER A 247 -16.44 15.29 11.73
CA SER A 247 -17.25 14.99 12.92
C SER A 247 -18.38 15.97 13.05
N GLU A 248 -19.44 15.49 13.67
CA GLU A 248 -20.67 16.24 13.90
C GLU A 248 -20.73 16.54 15.36
N GLY A 249 -20.77 17.83 15.66
CA GLY A 249 -20.66 18.28 17.03
C GLY A 249 -21.48 19.52 17.30
N VAL A 250 -21.11 20.23 18.33
CA VAL A 250 -21.82 21.41 18.77
C VAL A 250 -20.78 22.41 19.25
N GLU A 251 -20.97 23.65 18.86
CA GLU A 251 -20.24 24.77 19.38
C GLU A 251 -21.07 25.39 20.51
N ILE A 252 -20.41 25.67 21.62
CA ILE A 252 -21.13 26.20 22.79
C ILE A 252 -20.43 27.44 23.33
N THR A 253 -21.21 28.49 23.59
CA THR A 253 -20.63 29.78 24.00
C THR A 253 -21.02 30.13 25.42
N PHE A 254 -20.03 30.50 26.23
CA PHE A 254 -20.29 30.92 27.63
C PHE A 254 -20.02 32.43 27.81
N ASN A 255 -20.69 33.01 28.79
CA ASN A 255 -20.28 34.31 29.30
C ASN A 255 -19.19 34.04 30.30
N VAL A 256 -18.26 34.97 30.37
CA VAL A 256 -17.15 34.92 31.32
C VAL A 256 -17.18 36.17 32.21
N ASN A 257 -17.07 35.92 33.52
CA ASN A 257 -17.01 36.98 34.52
C ASN A 257 -15.79 37.90 34.25
N ASP A 258 -16.05 39.22 34.26
CA ASP A 258 -15.02 40.27 34.16
C ASP A 258 -14.29 40.25 32.82
N TYR A 259 -14.98 39.85 31.76
CA TYR A 259 -14.35 39.65 30.46
C TYR A 259 -15.27 40.18 29.35
N ASP A 260 -14.72 41.03 28.49
CA ASP A 260 -15.49 41.76 27.46
C ASP A 260 -16.09 40.86 26.37
N ASN A 261 -15.52 39.68 26.21
CA ASN A 261 -15.98 38.75 25.19
C ASN A 261 -16.63 37.51 25.81
N THR A 262 -17.25 36.71 24.95
CA THR A 262 -17.70 35.36 25.32
C THR A 262 -16.57 34.38 24.91
N LEU A 263 -16.69 33.12 25.33
CA LEU A 263 -15.78 32.06 24.91
C LEU A 263 -16.60 30.92 24.31
N THR A 264 -16.11 30.37 23.20
CA THR A 264 -16.81 29.28 22.49
C THR A 264 -15.94 28.04 22.39
N VAL A 265 -16.55 26.88 22.70
CA VAL A 265 -15.88 25.57 22.57
C VAL A 265 -16.58 24.67 21.52
N TYR A 266 -15.90 23.62 21.07
CA TYR A 266 -16.53 22.64 20.18
C TYR A 266 -16.51 21.27 20.87
N THR A 267 -17.63 20.58 20.88
CA THR A 267 -17.68 19.22 21.48
C THR A 267 -18.39 18.24 20.58
N THR A 268 -17.93 17.00 20.54
CA THR A 268 -18.72 15.94 19.90
C THR A 268 -19.57 15.22 20.97
N ARG A 269 -19.45 15.61 22.24
CA ARG A 269 -20.19 14.93 23.31
C ARG A 269 -21.03 15.94 24.09
N PRO A 270 -21.94 16.69 23.41
CA PRO A 270 -22.80 17.61 24.14
C PRO A 270 -23.75 16.90 25.15
N ASP A 271 -24.06 15.64 24.88
CA ASP A 271 -24.81 14.80 25.86
C ASP A 271 -24.19 14.71 27.28
N THR A 272 -22.89 14.97 27.40
CA THR A 272 -22.22 14.99 28.67
C THR A 272 -22.10 16.42 29.26
N PHE A 273 -22.76 17.41 28.65
CA PHE A 273 -22.55 18.81 29.02
C PHE A 273 -22.85 19.14 30.52
N MET A 274 -23.86 18.48 31.11
CA MET A 274 -24.18 18.71 32.54
C MET A 274 -23.05 18.19 33.44
N GLY A 275 -22.15 17.39 32.88
CA GLY A 275 -20.96 16.92 33.58
C GLY A 275 -19.74 17.78 33.35
N CYS A 276 -19.92 18.99 32.80
CA CYS A 276 -18.79 19.90 32.51
C CYS A 276 -18.43 20.73 33.77
N THR A 277 -17.24 20.48 34.29
CA THR A 277 -16.81 21.08 35.57
C THR A 277 -15.79 22.19 35.39
N TYR A 278 -15.22 22.30 34.18
CA TYR A 278 -14.32 23.39 33.83
C TYR A 278 -14.22 23.57 32.27
N LEU A 279 -13.62 24.69 31.85
CA LEU A 279 -13.26 24.92 30.43
C LEU A 279 -11.73 24.91 30.31
N ALA A 280 -11.24 24.52 29.14
CA ALA A 280 -9.80 24.53 28.83
C ALA A 280 -9.64 25.24 27.46
N VAL A 281 -8.70 26.17 27.41
CA VAL A 281 -8.35 26.89 26.18
C VAL A 281 -6.90 26.55 25.78
N ALA A 282 -6.64 26.58 24.47
CA ALA A 282 -5.27 26.41 23.96
C ALA A 282 -4.41 27.54 24.53
N ALA A 283 -3.11 27.26 24.64
CA ALA A 283 -2.10 28.20 25.13
C ALA A 283 -2.23 29.60 24.49
N GLY A 284 -2.26 29.63 23.15
CA GLY A 284 -2.38 30.87 22.39
C GLY A 284 -3.81 31.28 22.09
N HIS A 285 -4.62 31.40 23.14
CA HIS A 285 -6.01 31.80 23.02
C HIS A 285 -6.13 33.18 23.59
N PRO A 286 -6.76 34.13 22.84
CA PRO A 286 -6.90 35.53 23.27
C PRO A 286 -7.37 35.81 24.72
N LEU A 287 -8.29 34.99 25.25
CA LEU A 287 -8.60 35.01 26.70
C LEU A 287 -7.38 34.58 27.52
N ALA A 288 -6.80 33.44 27.18
CA ALA A 288 -5.58 32.95 27.84
C ALA A 288 -4.45 34.00 27.74
N GLN A 289 -4.40 34.72 26.63
CA GLN A 289 -3.41 35.79 26.42
C GLN A 289 -3.75 37.08 27.21
N LYS A 290 -5.04 37.42 27.24
CA LYS A 290 -5.55 38.60 27.96
C LYS A 290 -5.21 38.53 29.46
N ALA A 291 -5.49 37.38 30.07
CA ALA A 291 -5.21 37.15 31.50
C ALA A 291 -3.69 37.09 31.82
N ALA A 292 -2.91 36.49 30.90
CA ALA A 292 -1.46 36.37 31.05
C ALA A 292 -0.72 37.72 31.17
N GLU A 293 -1.41 38.82 30.89
CA GLU A 293 -0.86 40.18 31.08
C GLU A 293 -0.65 40.53 32.55
N ASN A 294 -1.58 40.14 33.42
CA ASN A 294 -1.47 40.37 34.88
C ASN A 294 -1.25 39.08 35.66
N ASN A 295 -0.49 38.16 35.08
CA ASN A 295 -0.30 36.82 35.66
C ASN A 295 1.01 36.21 35.13
N PRO A 296 2.11 36.39 35.88
CA PRO A 296 3.40 35.81 35.54
C PRO A 296 3.34 34.34 35.11
N GLU A 297 2.67 33.51 35.93
CA GLU A 297 2.60 32.04 35.78
C GLU A 297 2.08 31.63 34.40
N LEU A 298 0.95 32.23 34.03
CA LEU A 298 0.29 31.99 32.74
C LEU A 298 1.15 32.49 31.58
N ALA A 299 1.62 33.75 31.69
CA ALA A 299 2.59 34.34 30.74
C ALA A 299 3.81 33.42 30.56
N ALA A 300 4.30 32.86 31.67
CA ALA A 300 5.38 31.87 31.63
C ALA A 300 4.93 30.61 30.89
N PHE A 301 3.69 30.14 31.14
CA PHE A 301 3.18 28.87 30.54
C PHE A 301 2.95 28.93 29.02
N ILE A 302 2.31 30.01 28.54
CA ILE A 302 2.08 30.22 27.09
C ILE A 302 3.35 29.89 26.28
N ASP A 303 4.51 30.25 26.83
CA ASP A 303 5.81 30.10 26.17
C ASP A 303 6.40 28.68 26.24
N GLU A 304 5.86 27.83 27.11
CA GLU A 304 6.19 26.39 27.08
C GLU A 304 5.38 25.66 26.01
N LYS A 321 -0.30 19.34 31.35
CA LYS A 321 0.07 20.56 32.07
C LYS A 321 -0.86 21.77 31.76
N GLY A 322 -1.02 22.67 32.74
CA GLY A 322 -1.94 23.83 32.59
C GLY A 322 -1.82 24.92 33.66
N VAL A 323 -2.55 26.02 33.50
CA VAL A 323 -2.46 27.11 34.46
C VAL A 323 -3.80 27.83 34.58
N ASP A 324 -4.26 28.04 35.81
CA ASP A 324 -5.52 28.72 36.05
C ASP A 324 -5.49 30.21 35.62
N THR A 325 -6.29 30.47 34.58
CA THR A 325 -6.49 31.80 34.04
C THR A 325 -7.00 32.78 35.10
N GLY A 326 -7.66 32.25 36.13
CA GLY A 326 -8.36 33.06 37.10
C GLY A 326 -9.76 33.41 36.62
N PHE A 327 -9.97 33.40 35.30
CA PHE A 327 -11.32 33.67 34.77
C PHE A 327 -12.30 32.53 35.12
N LYS A 328 -13.56 32.93 35.40
CA LYS A 328 -14.67 32.03 35.69
C LYS A 328 -15.74 32.17 34.59
N ALA A 329 -16.10 31.06 33.95
CA ALA A 329 -17.19 31.04 32.99
C ALA A 329 -18.48 30.63 33.71
N VAL A 330 -19.62 31.09 33.20
CA VAL A 330 -20.97 30.71 33.70
C VAL A 330 -21.52 29.54 32.85
N HIS A 331 -21.62 28.34 33.45
CA HIS A 331 -22.27 27.23 32.80
C HIS A 331 -23.69 27.63 32.46
N PRO A 332 -24.08 27.52 31.19
CA PRO A 332 -25.41 28.09 30.86
C PRO A 332 -26.62 27.26 31.21
N LEU A 333 -26.48 25.97 31.41
CA LEU A 333 -27.62 25.20 31.90
C LEU A 333 -27.76 25.22 33.44
N THR A 334 -26.68 25.09 34.19
CA THR A 334 -26.80 24.94 35.65
C THR A 334 -26.73 26.25 36.41
N GLY A 335 -26.14 27.29 35.81
CA GLY A 335 -25.96 28.60 36.46
C GLY A 335 -24.64 28.68 37.22
N GLU A 336 -23.99 27.52 37.42
CA GLU A 336 -22.75 27.43 38.20
C GLU A 336 -21.64 28.18 37.51
N GLU A 337 -20.75 28.76 38.30
CA GLU A 337 -19.49 29.28 37.80
C GLU A 337 -18.52 28.12 37.64
N ILE A 338 -17.80 28.08 36.52
CA ILE A 338 -16.70 27.13 36.36
C ILE A 338 -15.43 27.82 35.91
N PRO A 339 -14.29 27.24 36.30
CA PRO A 339 -13.00 27.87 36.05
C PRO A 339 -12.54 27.65 34.63
N VAL A 340 -11.76 28.60 34.10
CA VAL A 340 -11.16 28.47 32.77
C VAL A 340 -9.64 28.30 32.91
N TRP A 341 -9.13 27.16 32.46
CA TRP A 341 -7.69 26.90 32.45
C TRP A 341 -7.13 27.10 31.07
N ALA A 342 -5.81 27.25 30.98
CA ALA A 342 -5.11 27.11 29.69
C ALA A 342 -4.38 25.79 29.76
N ALA A 343 -4.54 24.95 28.73
CA ALA A 343 -4.03 23.59 28.76
C ALA A 343 -3.31 23.20 27.45
N ASN A 344 -2.35 22.28 27.58
CA ASN A 344 -1.46 21.86 26.46
C ASN A 344 -2.06 20.79 25.52
N PHE A 345 -3.12 20.12 25.96
CA PHE A 345 -3.79 19.13 25.10
C PHE A 345 -4.81 19.78 24.13
N VAL A 346 -5.14 21.07 24.35
CA VAL A 346 -6.13 21.82 23.56
C VAL A 346 -5.47 22.50 22.36
N LEU A 347 -5.80 22.02 21.17
CA LEU A 347 -5.22 22.52 19.91
C LEU A 347 -5.88 23.86 19.52
N MET A 348 -5.07 24.93 19.42
CA MET A 348 -5.61 26.24 19.00
C MET A 348 -6.16 26.15 17.54
N GLU A 349 -5.62 25.22 16.75
CA GLU A 349 -5.91 25.09 15.31
C GLU A 349 -7.25 24.39 15.00
N TYR A 350 -7.63 23.41 15.83
CA TYR A 350 -8.83 22.61 15.59
C TYR A 350 -10.02 23.19 16.37
N GLY A 351 -11.21 23.13 15.75
CA GLY A 351 -12.41 23.75 16.30
C GLY A 351 -12.19 25.22 16.68
N THR A 352 -12.65 25.61 17.87
CA THR A 352 -12.45 26.99 18.38
C THR A 352 -11.14 27.22 19.16
N GLY A 353 -10.32 26.18 19.29
CA GLY A 353 -9.17 26.18 20.22
C GLY A 353 -9.55 26.21 21.72
N ALA A 354 -10.73 25.67 22.06
CA ALA A 354 -11.27 25.66 23.44
C ALA A 354 -12.27 24.52 23.60
N VAL A 355 -12.24 23.89 24.77
CA VAL A 355 -13.13 22.76 25.08
C VAL A 355 -13.85 22.96 26.41
N MET A 356 -15.03 22.36 26.49
CA MET A 356 -15.77 22.19 27.71
C MET A 356 -15.24 20.86 28.21
N ALA A 357 -14.64 20.87 29.40
CA ALA A 357 -13.99 19.71 29.99
C ALA A 357 -15.04 18.86 30.72
N VAL A 358 -15.06 17.56 30.43
CA VAL A 358 -15.97 16.58 31.09
C VAL A 358 -15.10 15.40 31.59
N PRO A 359 -14.42 15.56 32.74
CA PRO A 359 -13.41 14.57 33.18
C PRO A 359 -14.01 13.18 33.48
N GLY A 360 -15.26 13.10 33.89
CA GLY A 360 -15.87 11.78 34.04
C GLY A 360 -15.98 10.91 32.77
N HIS A 361 -15.93 11.55 31.60
CA HIS A 361 -16.28 10.85 30.38
C HIS A 361 -15.39 11.06 29.15
N ASP A 362 -14.33 11.85 29.31
CA ASP A 362 -13.29 11.96 28.29
C ASP A 362 -12.00 11.69 29.04
N GLN A 363 -11.17 10.78 28.54
CA GLN A 363 -9.96 10.38 29.26
C GLN A 363 -8.96 11.53 29.52
N ARG A 364 -8.81 12.38 28.50
CA ARG A 364 -7.84 13.46 28.56
C ARG A 364 -8.28 14.47 29.64
N ASP A 365 -9.55 14.83 29.64
CA ASP A 365 -10.10 15.66 30.70
C ASP A 365 -10.01 15.00 32.11
N TYR A 366 -10.17 13.68 32.16
CA TYR A 366 -10.04 12.92 33.39
C TYR A 366 -8.65 13.15 34.02
N GLU A 367 -7.57 13.06 33.21
CA GLU A 367 -6.17 13.25 33.67
C GLU A 367 -5.91 14.70 34.12
N PHE A 368 -6.39 15.63 33.35
CA PHE A 368 -6.15 17.02 33.68
C PHE A 368 -6.82 17.31 35.05
N ALA A 369 -8.10 16.96 35.21
CA ALA A 369 -8.87 17.20 36.48
C ALA A 369 -8.15 16.62 37.71
N SER A 370 -7.69 15.38 37.53
CA SER A 370 -6.97 14.67 38.58
C SER A 370 -5.73 15.46 39.03
N LYS A 371 -4.85 15.74 38.08
CA LYS A 371 -3.61 16.48 38.34
C LYS A 371 -3.86 17.80 39.05
N TYR A 372 -4.99 18.46 38.82
CA TYR A 372 -5.24 19.77 39.46
C TYR A 372 -6.39 19.77 40.46
N GLY A 373 -6.89 18.58 40.80
CA GLY A 373 -7.94 18.44 41.80
C GLY A 373 -9.20 19.20 41.43
N LEU A 374 -9.62 19.09 40.15
CA LEU A 374 -10.88 19.66 39.69
C LEU A 374 -11.98 18.62 39.79
N ASN A 375 -13.23 19.07 39.89
CA ASN A 375 -14.36 18.18 40.15
C ASN A 375 -14.52 17.20 38.99
N ILE A 376 -14.69 15.92 39.34
CA ILE A 376 -15.05 14.86 38.40
C ILE A 376 -16.49 14.46 38.63
N LYS A 377 -17.37 14.83 37.71
CA LYS A 377 -18.83 14.65 37.89
C LYS A 377 -19.40 13.58 36.92
N PRO A 378 -20.12 12.55 37.43
CA PRO A 378 -20.57 11.48 36.54
C PRO A 378 -21.96 11.82 36.02
N VAL A 379 -22.15 11.62 34.71
CA VAL A 379 -23.44 11.95 34.09
C VAL A 379 -23.97 10.89 33.14
N ILE A 380 -23.15 9.88 32.89
CA ILE A 380 -23.51 8.78 32.00
C ILE A 380 -23.51 7.50 32.81
N LEU A 381 -24.61 6.75 32.73
CA LEU A 381 -24.68 5.42 33.35
C LEU A 381 -23.90 4.36 32.59
N ALA A 382 -23.47 3.31 33.30
CA ALA A 382 -22.74 2.19 32.66
C ALA A 382 -23.65 1.35 31.75
N ALA A 383 -23.04 0.53 30.88
CA ALA A 383 -23.76 -0.29 29.92
C ALA A 383 -24.90 -1.06 30.60
N ASP A 384 -24.63 -1.62 31.79
CA ASP A 384 -25.66 -2.39 32.53
C ASP A 384 -26.69 -1.57 33.38
N GLY A 385 -26.70 -0.24 33.25
CA GLY A 385 -27.66 0.59 34.01
C GLY A 385 -27.12 1.11 35.35
N SER A 386 -25.89 0.75 35.68
CA SER A 386 -25.34 1.14 36.98
C SER A 386 -24.48 2.46 36.93
N GLU A 387 -24.54 3.28 37.99
CA GLU A 387 -23.68 4.43 38.14
C GLU A 387 -22.21 3.98 38.05
N PRO A 388 -21.37 4.72 37.32
CA PRO A 388 -20.04 4.21 36.98
C PRO A 388 -18.98 4.37 38.04
N ASP A 389 -18.03 3.47 37.99
CA ASP A 389 -16.85 3.56 38.82
C ASP A 389 -15.81 4.39 38.04
N LEU A 390 -15.59 5.60 38.51
CA LEU A 390 -14.60 6.51 37.94
C LEU A 390 -13.39 6.62 38.85
N SER A 391 -13.28 5.71 39.83
CA SER A 391 -12.11 5.69 40.71
C SER A 391 -10.83 5.65 39.91
N GLN A 392 -10.83 4.87 38.81
CA GLN A 392 -9.65 4.65 37.96
C GLN A 392 -9.63 5.60 36.74
N GLN A 393 -10.57 5.44 35.81
CA GLN A 393 -10.58 6.22 34.57
C GLN A 393 -11.98 6.66 34.10
N ALA A 394 -11.99 7.49 33.06
CA ALA A 394 -13.22 7.94 32.46
C ALA A 394 -14.06 6.78 31.92
N LEU A 395 -15.38 6.89 32.04
CA LEU A 395 -16.30 6.06 31.28
C LEU A 395 -16.69 6.80 29.96
N THR A 396 -16.17 6.28 28.85
CA THR A 396 -16.24 6.97 27.53
C THR A 396 -17.38 6.44 26.71
N GLU A 397 -17.87 5.25 27.07
CA GLU A 397 -19.01 4.62 26.44
C GLU A 397 -20.25 5.48 26.49
N LYS A 398 -20.91 5.63 25.35
CA LYS A 398 -22.13 6.39 25.25
C LYS A 398 -23.16 5.57 25.99
N GLY A 399 -24.06 6.25 26.70
CA GLY A 399 -24.99 5.58 27.60
C GLY A 399 -26.10 6.52 28.06
N VAL A 400 -26.88 6.09 29.03
CA VAL A 400 -28.07 6.82 29.44
C VAL A 400 -27.63 7.90 30.42
N LEU A 401 -28.27 9.07 30.36
CA LEU A 401 -27.88 10.21 31.20
C LEU A 401 -28.52 10.10 32.60
N PHE A 402 -27.75 10.48 33.63
CA PHE A 402 -28.26 10.76 34.97
C PHE A 402 -27.53 11.99 35.51
N ASN A 403 -27.98 12.51 36.66
CA ASN A 403 -27.32 13.66 37.31
C ASN A 403 -27.23 14.90 36.35
N SER A 404 -28.29 15.09 35.55
CA SER A 404 -28.35 16.05 34.37
C SER A 404 -29.72 16.73 34.22
N GLY A 405 -30.47 16.83 35.31
CA GLY A 405 -31.71 17.58 35.36
C GLY A 405 -32.74 17.09 34.36
N GLU A 406 -33.23 18.04 33.55
CA GLU A 406 -34.33 17.75 32.62
C GLU A 406 -33.97 16.71 31.60
N PHE A 407 -32.68 16.39 31.49
CA PHE A 407 -32.18 15.47 30.46
C PHE A 407 -32.02 14.04 30.94
N ASN A 408 -32.13 13.82 32.25
CA ASN A 408 -32.00 12.47 32.84
C ASN A 408 -32.83 11.44 32.13
N GLY A 409 -32.25 10.25 31.97
CA GLY A 409 -32.93 9.11 31.36
C GLY A 409 -32.83 9.06 29.86
N LEU A 410 -32.37 10.15 29.24
CA LEU A 410 -32.28 10.17 27.81
C LEU A 410 -31.07 9.35 27.39
N ASP A 411 -31.21 8.57 26.33
CA ASP A 411 -30.04 7.91 25.77
C ASP A 411 -29.19 8.90 24.93
N HIS A 412 -28.04 8.43 24.44
CA HIS A 412 -27.09 9.27 23.76
C HIS A 412 -27.71 10.15 22.70
N GLU A 413 -28.43 9.55 21.74
CA GLU A 413 -28.81 10.28 20.55
C GLU A 413 -29.82 11.32 20.96
N ALA A 414 -30.72 10.94 21.85
CA ALA A 414 -31.78 11.82 22.34
C ALA A 414 -31.19 12.97 23.15
N ALA A 415 -30.17 12.63 23.94
CA ALA A 415 -29.54 13.55 24.84
C ALA A 415 -28.72 14.60 24.03
N PHE A 416 -27.99 14.13 23.01
CA PHE A 416 -27.23 15.01 22.08
C PHE A 416 -28.18 16.08 21.49
N ASN A 417 -29.25 15.61 20.83
CA ASN A 417 -30.24 16.49 20.20
C ASN A 417 -31.08 17.31 21.16
N ALA A 418 -31.45 16.75 22.31
CA ALA A 418 -32.18 17.56 23.30
C ALA A 418 -31.34 18.76 23.73
N ILE A 419 -30.09 18.50 24.07
CA ILE A 419 -29.21 19.51 24.66
C ILE A 419 -28.70 20.54 23.59
N ALA A 420 -28.51 20.08 22.36
CA ALA A 420 -28.18 20.94 21.20
C ALA A 420 -29.36 21.89 20.90
N ASP A 421 -30.56 21.33 20.82
CA ASP A 421 -31.82 22.11 20.63
C ASP A 421 -32.03 23.18 21.67
N LYS A 422 -31.69 22.87 22.91
CA LYS A 422 -31.91 23.81 24.02
C LYS A 422 -30.96 24.96 23.90
N LEU A 423 -29.67 24.67 23.85
CA LEU A 423 -28.64 25.68 23.65
C LEU A 423 -28.86 26.56 22.38
N THR A 424 -29.31 25.96 21.30
CA THR A 424 -29.65 26.75 20.14
C THR A 424 -30.81 27.72 20.43
N ALA A 425 -31.85 27.22 21.08
CA ALA A 425 -33.05 28.01 21.39
C ALA A 425 -32.67 29.12 22.34
N MET A 426 -31.72 28.86 23.23
CA MET A 426 -31.18 29.89 24.18
C MET A 426 -30.16 30.82 23.57
N GLY A 427 -29.75 30.52 22.34
CA GLY A 427 -28.75 31.32 21.67
C GLY A 427 -27.35 31.29 22.22
N VAL A 428 -26.90 30.13 22.72
CA VAL A 428 -25.54 29.96 23.20
C VAL A 428 -24.83 28.73 22.55
N GLY A 429 -25.45 28.13 21.54
CA GLY A 429 -24.79 27.05 20.82
C GLY A 429 -25.44 26.70 19.53
N GLU A 430 -24.76 25.88 18.75
CA GLU A 430 -25.28 25.48 17.48
C GLU A 430 -24.49 24.28 16.99
N ARG A 431 -25.15 23.50 16.17
CA ARG A 431 -24.54 22.37 15.55
C ARG A 431 -23.47 22.83 14.58
N LYS A 432 -22.38 22.07 14.50
CA LYS A 432 -21.19 22.46 13.73
C LYS A 432 -20.57 21.18 13.23
N VAL A 433 -20.22 21.14 11.92
CA VAL A 433 -19.41 20.03 11.36
C VAL A 433 -17.96 20.47 11.33
N ASN A 434 -17.03 19.66 11.85
CA ASN A 434 -15.59 20.07 11.77
C ASN A 434 -14.87 18.95 11.06
N TYR A 435 -13.64 19.19 10.63
CA TYR A 435 -12.84 18.19 9.92
C TYR A 435 -11.45 18.23 10.50
N ARG A 436 -10.87 17.10 10.76
CA ARG A 436 -9.50 17.07 11.22
C ARG A 436 -8.55 17.47 10.04
N LEU A 437 -9.02 17.25 8.81
CA LEU A 437 -8.16 17.48 7.59
C LEU A 437 -7.80 18.95 7.46
N ARG A 438 -6.54 19.26 7.34
CA ARG A 438 -6.05 20.61 7.04
C ARG A 438 -5.62 20.73 5.59
N ASP A 439 -5.54 21.97 5.14
CA ASP A 439 -5.01 22.24 3.85
C ASP A 439 -3.56 21.80 3.64
N TRP A 440 -3.19 21.64 2.38
CA TRP A 440 -1.94 20.99 2.04
C TRP A 440 -0.87 22.03 1.83
N GLY A 441 0.08 22.04 2.74
CA GLY A 441 1.18 23.01 2.70
C GLY A 441 2.24 22.52 1.71
N VAL A 442 2.40 23.19 0.57
CA VAL A 442 3.23 22.64 -0.50
C VAL A 442 4.58 23.32 -0.67
N SER A 443 4.86 24.36 0.13
CA SER A 443 6.12 25.17 0.08
C SER A 443 7.22 24.54 0.92
N ARG A 444 8.45 24.54 0.41
CA ARG A 444 9.58 24.04 1.20
C ARG A 444 10.76 24.99 0.98
N GLN A 445 11.54 25.19 2.03
CA GLN A 445 12.70 26.06 1.93
C GLN A 445 13.93 25.25 1.56
N ARG A 446 13.85 24.57 0.44
CA ARG A 446 14.88 23.61 0.08
C ARG A 446 15.20 23.82 -1.37
N TYR A 447 16.43 23.47 -1.74
CA TYR A 447 16.90 23.67 -3.08
C TYR A 447 16.38 22.60 -4.05
N TRP A 448 16.48 21.34 -3.65
CA TRP A 448 16.27 20.28 -4.62
C TRP A 448 14.80 19.87 -4.80
N GLY A 449 14.09 20.72 -5.53
CA GLY A 449 12.64 20.61 -5.77
C GLY A 449 12.29 21.54 -6.86
N ALA A 450 11.03 21.47 -7.31
CA ALA A 450 10.58 22.31 -8.41
C ALA A 450 10.24 23.65 -7.82
N PRO A 451 10.73 24.72 -8.46
CA PRO A 451 10.42 26.07 -8.06
C PRO A 451 8.92 26.39 -8.10
N ILE A 452 8.46 27.11 -7.09
CA ILE A 452 7.07 27.55 -7.06
C ILE A 452 6.89 28.73 -8.02
N PRO A 453 5.98 28.59 -9.02
CA PRO A 453 5.82 29.60 -10.07
C PRO A 453 4.98 30.85 -9.65
N MET A 454 5.44 31.52 -8.62
CA MET A 454 4.82 32.77 -8.18
C MET A 454 5.93 33.88 -8.11
N VAL A 455 5.48 35.12 -8.19
CA VAL A 455 6.30 36.31 -8.34
C VAL A 455 5.69 37.48 -7.53
N THR A 456 6.54 38.33 -6.95
CA THR A 456 6.06 39.54 -6.23
C THR A 456 6.52 40.83 -6.93
N LEU A 457 5.57 41.68 -7.33
CA LEU A 457 5.94 42.92 -8.04
C LEU A 457 6.43 43.95 -7.05
N GLU A 458 7.10 44.99 -7.54
CA GLU A 458 7.62 46.04 -6.65
C GLU A 458 6.50 46.68 -5.79
N ASP A 459 5.32 46.90 -6.38
CA ASP A 459 4.20 47.44 -5.61
C ASP A 459 3.58 46.49 -4.57
N GLY A 460 4.09 45.26 -4.50
CA GLY A 460 3.65 44.28 -3.50
C GLY A 460 2.67 43.21 -3.98
N THR A 461 2.15 43.31 -5.20
CA THR A 461 1.16 42.34 -5.64
C THR A 461 1.83 40.99 -5.96
N VAL A 462 1.18 39.92 -5.53
CA VAL A 462 1.64 38.56 -5.72
C VAL A 462 0.76 38.00 -6.83
N MET A 463 1.38 37.45 -7.87
CA MET A 463 0.68 36.85 -8.99
C MET A 463 1.48 35.64 -9.49
N PRO A 464 0.85 34.76 -10.25
CA PRO A 464 1.57 33.66 -10.91
C PRO A 464 2.68 34.12 -11.87
N THR A 465 3.66 33.27 -12.09
CA THR A 465 4.67 33.51 -13.07
C THR A 465 3.97 33.51 -14.41
N PRO A 466 4.29 34.49 -15.30
CA PRO A 466 3.62 34.54 -16.60
C PRO A 466 3.93 33.34 -17.47
N ASP A 467 2.95 32.93 -18.25
CA ASP A 467 3.07 31.72 -19.04
C ASP A 467 4.34 31.69 -19.88
N ASP A 468 4.75 32.86 -20.39
CA ASP A 468 5.94 32.91 -21.23
C ASP A 468 7.26 32.75 -20.47
N GLN A 469 7.21 32.72 -19.15
CA GLN A 469 8.38 32.43 -18.32
C GLN A 469 8.29 31.05 -17.60
N LEU A 470 7.42 30.16 -18.08
CA LEU A 470 7.28 28.78 -17.56
C LEU A 470 7.92 27.82 -18.56
N PRO A 471 8.67 26.80 -18.11
CA PRO A 471 9.02 26.46 -16.72
C PRO A 471 9.95 27.46 -16.05
N VAL A 472 9.85 27.57 -14.73
CA VAL A 472 10.84 28.21 -13.89
C VAL A 472 11.91 27.17 -13.61
N ILE A 473 13.05 27.29 -14.28
CA ILE A 473 14.03 26.22 -14.23
C ILE A 473 14.89 26.27 -13.00
N LEU A 474 14.95 25.18 -12.24
CA LEU A 474 15.91 25.05 -11.16
C LEU A 474 17.29 24.85 -11.75
N PRO A 475 18.27 25.69 -11.35
CA PRO A 475 19.63 25.50 -11.89
C PRO A 475 20.32 24.29 -11.31
N GLU A 476 20.83 23.43 -12.18
CA GLU A 476 21.45 22.19 -11.71
C GLU A 476 22.95 22.30 -11.37
N ASP A 477 23.65 23.26 -12.00
CA ASP A 477 25.08 23.48 -11.77
C ASP A 477 25.25 24.47 -10.66
N VAL A 478 25.33 23.97 -9.43
CA VAL A 478 25.31 24.83 -8.26
C VAL A 478 26.35 24.22 -7.36
N VAL A 479 26.82 24.97 -6.36
CA VAL A 479 27.65 24.39 -5.32
C VAL A 479 26.96 24.59 -3.97
N MET A 480 26.78 23.51 -3.21
CA MET A 480 26.01 23.53 -1.95
C MET A 480 26.88 23.83 -0.73
N ASP A 481 26.38 24.64 0.20
CA ASP A 481 27.05 24.88 1.48
C ASP A 481 26.42 24.14 2.68
N GLY A 482 25.29 23.48 2.48
CA GLY A 482 24.62 22.72 3.55
C GLY A 482 23.77 23.50 4.54
N ILE A 483 23.74 24.83 4.42
CA ILE A 483 22.92 25.69 5.30
C ILE A 483 21.76 26.34 4.53
N THR A 484 22.08 26.88 3.35
CA THR A 484 21.19 27.72 2.56
C THR A 484 21.00 27.17 1.12
N SER A 485 19.80 27.32 0.57
CA SER A 485 19.59 27.00 -0.83
C SER A 485 20.38 27.95 -1.77
N PRO A 486 21.10 27.39 -2.78
CA PRO A 486 21.79 28.25 -3.75
C PRO A 486 20.93 29.24 -4.46
N ILE A 487 19.65 28.94 -4.69
CA ILE A 487 18.80 29.91 -5.33
C ILE A 487 18.32 30.96 -4.32
N LYS A 488 18.54 30.71 -3.03
CA LYS A 488 18.31 31.72 -1.96
C LYS A 488 19.59 32.53 -1.66
N ALA A 489 20.73 31.84 -1.55
CA ALA A 489 22.04 32.50 -1.25
C ALA A 489 22.52 33.51 -2.31
N ASP A 490 22.23 33.26 -3.58
CA ASP A 490 22.52 34.18 -4.66
C ASP A 490 21.33 35.08 -4.89
N PRO A 491 21.40 36.33 -4.39
CA PRO A 491 20.23 37.23 -4.37
C PRO A 491 19.85 37.75 -5.75
N GLU A 492 20.72 37.53 -6.74
CA GLU A 492 20.40 37.79 -8.14
C GLU A 492 19.39 36.80 -8.74
N TRP A 493 19.24 35.62 -8.12
CA TRP A 493 18.47 34.58 -8.80
C TRP A 493 17.04 34.97 -8.80
N ALA A 494 16.57 35.49 -7.67
CA ALA A 494 15.18 35.93 -7.48
C ALA A 494 14.73 37.07 -8.41
N LYS A 495 15.67 37.81 -9.00
CA LYS A 495 15.34 39.05 -9.76
C LYS A 495 14.81 38.77 -11.14
N THR A 496 13.63 39.30 -11.44
CA THR A 496 13.01 39.00 -12.73
C THR A 496 12.34 40.27 -13.27
N THR A 497 11.66 40.12 -14.40
CA THR A 497 10.96 41.22 -15.07
C THR A 497 9.57 40.74 -15.42
N VAL A 498 8.55 41.44 -14.94
CA VAL A 498 7.18 41.18 -15.39
C VAL A 498 6.50 42.48 -15.89
N ASN A 499 5.91 42.43 -17.08
CA ASN A 499 5.26 43.59 -17.70
C ASN A 499 6.16 44.84 -17.65
N GLY A 500 7.42 44.68 -18.01
CA GLY A 500 8.40 45.76 -17.84
C GLY A 500 8.79 45.90 -16.38
N MET A 501 7.86 46.37 -15.54
CA MET A 501 8.02 46.42 -14.08
C MET A 501 8.93 45.25 -13.60
N PRO A 502 9.99 45.55 -12.81
CA PRO A 502 10.85 44.48 -12.28
C PRO A 502 10.16 43.74 -11.12
N ALA A 503 10.59 42.51 -10.84
CA ALA A 503 9.86 41.64 -9.90
C ALA A 503 10.76 40.63 -9.17
N LEU A 504 10.25 40.04 -8.10
CA LEU A 504 10.99 38.99 -7.38
C LEU A 504 10.28 37.62 -7.47
N ARG A 505 10.97 36.60 -7.98
CA ARG A 505 10.38 35.28 -8.07
C ARG A 505 10.62 34.45 -6.83
N GLU A 506 9.64 33.59 -6.55
CA GLU A 506 9.63 32.81 -5.34
C GLU A 506 10.86 31.92 -5.36
N THR A 507 11.41 31.71 -4.18
CA THR A 507 12.60 30.92 -4.03
C THR A 507 12.33 29.57 -3.36
N ASP A 508 11.14 29.40 -2.80
CA ASP A 508 10.73 28.13 -2.23
C ASP A 508 10.46 27.13 -3.36
N THR A 509 10.54 25.85 -3.02
CA THR A 509 10.29 24.79 -3.96
C THR A 509 9.10 23.93 -3.44
N PHE A 510 8.50 23.16 -4.35
CA PHE A 510 7.33 22.35 -4.04
C PHE A 510 7.70 21.16 -3.17
N ASP A 511 6.83 20.86 -2.22
CA ASP A 511 6.71 19.53 -1.57
C ASP A 511 6.77 18.50 -2.70
N THR A 512 7.65 17.56 -2.52
CA THR A 512 7.94 16.45 -3.38
C THR A 512 6.72 15.50 -3.61
N PHE A 513 5.75 15.59 -2.70
CA PHE A 513 4.49 14.86 -2.92
C PHE A 513 3.79 15.45 -4.14
N MET A 514 4.13 16.67 -4.52
CA MET A 514 3.60 17.25 -5.74
C MET A 514 3.87 16.38 -6.97
N GLU A 515 5.11 15.93 -7.17
CA GLU A 515 5.41 15.16 -8.37
C GLU A 515 4.75 13.79 -8.36
N SER A 516 4.69 13.13 -7.22
CA SER A 516 4.15 11.78 -7.20
C SER A 516 2.59 11.76 -7.24
N SER A 517 1.97 12.93 -7.26
CA SER A 517 0.52 12.98 -7.14
C SER A 517 -0.07 12.90 -8.53
N TRP A 518 0.73 13.11 -9.61
CA TRP A 518 0.18 13.00 -10.96
C TRP A 518 0.99 12.22 -11.98
N TYR A 519 2.10 11.62 -11.56
CA TYR A 519 2.96 10.88 -12.50
C TYR A 519 2.23 9.78 -13.22
N TYR A 520 1.32 9.12 -12.49
CA TYR A 520 0.55 8.00 -13.03
C TYR A 520 -0.29 8.45 -14.27
N ALA A 521 -0.70 9.69 -14.30
CA ALA A 521 -1.42 10.25 -15.48
C ALA A 521 -0.45 10.67 -16.63
N ARG A 522 0.66 11.29 -16.26
CA ARG A 522 1.67 11.72 -17.25
C ARG A 522 2.26 10.54 -18.08
N TYR A 523 2.37 9.37 -17.46
CA TYR A 523 2.78 8.16 -18.14
C TYR A 523 1.96 7.83 -19.38
N THR A 524 0.72 8.28 -19.40
CA THR A 524 -0.12 7.97 -20.51
C THR A 524 0.26 8.83 -21.76
N CYS A 525 0.96 9.94 -21.55
CA CYS A 525 1.33 10.86 -22.65
C CYS A 525 2.59 11.64 -22.35
N PRO A 526 3.73 10.94 -22.19
CA PRO A 526 4.85 11.51 -21.51
C PRO A 526 5.62 12.57 -22.37
N GLN A 527 5.35 12.65 -23.65
CA GLN A 527 6.03 13.67 -24.48
C GLN A 527 5.06 14.69 -25.01
N TYR A 528 3.84 14.73 -24.50
CA TYR A 528 2.85 15.67 -24.98
C TYR A 528 3.30 17.08 -24.57
N LYS A 529 3.41 18.00 -25.55
CA LYS A 529 4.01 19.33 -25.33
C LYS A 529 2.98 20.38 -25.16
N GLU A 530 1.72 20.05 -25.40
CA GLU A 530 0.68 21.07 -25.43
C GLU A 530 -0.11 21.16 -24.14
N GLY A 531 0.31 20.42 -23.11
CA GLY A 531 -0.41 20.42 -21.80
C GLY A 531 0.08 19.29 -20.88
N MET A 532 -0.33 19.37 -19.61
CA MET A 532 -0.01 18.40 -18.60
C MET A 532 -0.46 17.04 -19.13
N LEU A 533 -1.65 16.98 -19.69
CA LEU A 533 -2.17 15.74 -20.22
C LEU A 533 -2.80 15.88 -21.59
N ASP A 534 -2.65 14.86 -22.39
CA ASP A 534 -3.43 14.68 -23.60
C ASP A 534 -4.59 13.87 -23.14
N SER A 535 -5.78 14.47 -23.03
CA SER A 535 -6.95 13.79 -22.51
C SER A 535 -7.40 12.53 -23.22
N GLU A 536 -7.25 12.50 -24.53
CA GLU A 536 -7.60 11.27 -25.24
C GLU A 536 -6.77 10.04 -24.77
N ALA A 537 -5.48 10.23 -24.64
CA ALA A 537 -4.58 9.19 -24.19
C ALA A 537 -4.84 8.85 -22.71
N ALA A 538 -5.08 9.86 -21.89
CA ALA A 538 -5.25 9.65 -20.45
C ALA A 538 -6.54 8.91 -20.21
N ASN A 539 -7.57 9.28 -20.97
CA ASN A 539 -8.87 8.64 -20.81
C ASN A 539 -8.89 7.26 -21.41
N TYR A 540 -8.00 6.93 -22.34
CA TYR A 540 -7.86 5.54 -22.81
C TYR A 540 -7.35 4.65 -21.66
N TRP A 541 -6.32 5.10 -20.97
CA TRP A 541 -5.61 4.25 -20.00
C TRP A 541 -6.18 4.22 -18.59
N LEU A 542 -6.74 5.32 -18.17
CA LEU A 542 -7.17 5.53 -16.80
C LEU A 542 -8.60 5.12 -16.64
N PRO A 543 -9.00 4.70 -15.44
CA PRO A 543 -8.19 4.55 -14.21
C PRO A 543 -7.20 3.46 -14.33
N VAL A 544 -6.15 3.56 -13.52
CA VAL A 544 -5.24 2.46 -13.31
C VAL A 544 -6.09 1.23 -12.90
N ASP A 545 -5.83 0.05 -13.47
CA ASP A 545 -6.55 -1.16 -13.11
C ASP A 545 -6.07 -1.72 -11.75
N ILE A 546 -4.77 -1.81 -11.59
CA ILE A 546 -4.18 -2.19 -10.31
C ILE A 546 -2.96 -1.34 -10.00
N TYR A 547 -2.95 -0.83 -8.79
CA TYR A 547 -1.86 -0.03 -8.26
C TYR A 547 -1.23 -0.79 -7.08
N ILE A 548 0.06 -1.06 -7.19
CA ILE A 548 0.80 -1.88 -6.23
C ILE A 548 1.79 -1.02 -5.44
N GLY A 549 1.66 -1.01 -4.13
CA GLY A 549 2.62 -0.28 -3.26
C GLY A 549 2.18 -0.32 -1.79
N GLY A 550 3.07 0.09 -0.89
CA GLY A 550 2.93 -0.27 0.50
C GLY A 550 1.89 0.51 1.23
N ILE A 551 1.35 -0.10 2.29
CA ILE A 551 0.30 0.52 3.11
C ILE A 551 0.77 1.78 3.82
N GLU A 552 2.06 1.94 4.03
CA GLU A 552 2.56 3.16 4.66
C GLU A 552 2.26 4.46 3.87
N HIS A 553 1.85 4.38 2.62
CA HIS A 553 1.46 5.59 1.85
C HIS A 553 0.02 6.03 2.00
N ALA A 554 -0.69 5.35 2.91
CA ALA A 554 -2.18 5.48 2.98
C ALA A 554 -2.70 6.90 3.19
N ILE A 555 -2.11 7.69 4.06
CA ILE A 555 -2.69 9.01 4.35
C ILE A 555 -1.90 10.20 3.80
N MET A 556 -0.84 9.87 3.09
CA MET A 556 -0.09 10.88 2.37
C MET A 556 -0.29 10.65 0.87
N HIS A 557 0.65 10.01 0.15
CA HIS A 557 0.53 9.87 -1.29
C HIS A 557 -0.83 9.35 -1.77
N LEU A 558 -1.39 8.33 -1.09
CA LEU A 558 -2.61 7.71 -1.55
C LEU A 558 -3.82 8.57 -1.36
N LEU A 559 -3.71 9.61 -0.52
CA LEU A 559 -4.74 10.64 -0.40
C LEU A 559 -4.49 11.77 -1.41
N TYR A 560 -3.25 12.22 -1.51
CA TYR A 560 -2.93 13.29 -2.43
C TYR A 560 -3.22 12.91 -3.88
N PHE A 561 -2.92 11.68 -4.28
CA PHE A 561 -3.17 11.30 -5.68
C PHE A 561 -4.65 11.19 -6.06
N ARG A 562 -5.50 10.85 -5.08
CA ARG A 562 -6.95 10.91 -5.22
C ARG A 562 -7.45 12.32 -5.44
N PHE A 563 -6.95 13.24 -4.63
CA PHE A 563 -7.31 14.62 -4.69
C PHE A 563 -6.84 15.23 -6.00
N PHE A 564 -5.60 14.95 -6.41
CA PHE A 564 -5.06 15.52 -7.64
C PHE A 564 -5.78 14.95 -8.85
N HIS A 565 -6.19 13.68 -8.83
CA HIS A 565 -7.05 13.17 -9.91
C HIS A 565 -8.32 13.99 -10.08
N LYS A 566 -8.93 14.31 -8.95
CA LYS A 566 -10.18 15.09 -8.99
C LYS A 566 -9.94 16.53 -9.47
N LEU A 567 -8.80 17.15 -9.10
CA LEU A 567 -8.50 18.46 -9.63
C LEU A 567 -8.28 18.42 -11.14
N MET A 568 -7.61 17.39 -11.64
CA MET A 568 -7.44 17.20 -13.08
C MET A 568 -8.77 16.94 -13.78
N ARG A 569 -9.66 16.16 -13.18
CA ARG A 569 -11.00 15.97 -13.71
C ARG A 569 -11.74 17.33 -13.86
N ASP A 570 -11.70 18.12 -12.78
CA ASP A 570 -12.37 19.40 -12.75
C ASP A 570 -11.72 20.48 -13.60
N ALA A 571 -10.52 20.22 -14.08
CA ALA A 571 -9.88 21.08 -15.11
C ALA A 571 -10.16 20.56 -16.49
N GLY A 572 -11.06 19.59 -16.61
CA GLY A 572 -11.36 18.98 -17.90
C GLY A 572 -10.36 18.00 -18.48
N MET A 573 -9.32 17.62 -17.73
CA MET A 573 -8.24 16.81 -18.29
C MET A 573 -8.46 15.31 -18.28
N VAL A 574 -9.32 14.82 -17.39
CA VAL A 574 -9.68 13.40 -17.30
C VAL A 574 -11.15 13.38 -17.01
N ASN A 575 -11.82 12.27 -17.33
CA ASN A 575 -13.26 12.14 -17.18
C ASN A 575 -13.62 11.02 -16.24
N SER A 576 -12.85 10.77 -15.22
CA SER A 576 -13.18 9.71 -14.24
C SER A 576 -12.97 10.36 -12.89
N ASP A 577 -13.60 9.80 -11.87
CA ASP A 577 -13.57 10.38 -10.55
C ASP A 577 -12.39 9.88 -9.69
N GLU A 578 -11.94 8.66 -9.90
CA GLU A 578 -10.91 8.05 -9.04
C GLU A 578 -9.76 7.53 -9.91
N PRO A 579 -8.53 7.61 -9.41
CA PRO A 579 -7.36 7.27 -10.22
C PRO A 579 -7.07 5.81 -10.37
N ALA A 580 -7.54 4.98 -9.43
CA ALA A 580 -7.16 3.56 -9.42
C ALA A 580 -8.27 2.64 -8.89
N LYS A 581 -8.60 1.61 -9.64
CA LYS A 581 -9.64 0.71 -9.28
C LYS A 581 -9.23 -0.18 -8.10
N GLN A 582 -8.24 -1.01 -8.28
CA GLN A 582 -7.65 -1.83 -7.20
C GLN A 582 -6.33 -1.26 -6.69
N LEU A 583 -6.19 -1.22 -5.36
CA LEU A 583 -4.93 -1.01 -4.65
C LEU A 583 -4.49 -2.28 -3.98
N LEU A 584 -3.34 -2.82 -4.37
CA LEU A 584 -2.78 -3.95 -3.69
C LEU A 584 -1.57 -3.50 -2.88
N CYS A 585 -1.63 -3.72 -1.56
CA CYS A 585 -0.50 -3.35 -0.70
C CYS A 585 0.32 -4.56 -0.40
N GLN A 586 1.55 -4.64 -0.90
CA GLN A 586 2.36 -5.79 -0.70
C GLN A 586 2.93 -5.80 0.70
N GLY A 587 3.13 -7.00 1.21
CA GLY A 587 3.67 -7.10 2.58
C GLY A 587 5.15 -6.81 2.69
N MET A 588 5.59 -6.55 3.91
CA MET A 588 7.01 -6.31 4.15
C MET A 588 7.80 -7.57 3.96
N VAL A 589 9.04 -7.42 3.56
CA VAL A 589 9.96 -8.52 3.47
C VAL A 589 10.76 -8.54 4.82
N LEU A 590 10.77 -9.69 5.47
CA LEU A 590 11.46 -9.87 6.76
C LEU A 590 12.70 -10.77 6.64
N ALA A 591 13.61 -10.70 7.62
CA ALA A 591 14.74 -11.55 7.65
C ALA A 591 15.12 -11.75 9.13
N ASP A 592 15.72 -12.89 9.41
CA ASP A 592 16.28 -13.24 10.73
C ASP A 592 17.18 -12.11 11.24
N ALA A 593 17.21 -11.90 12.54
CA ALA A 593 18.01 -10.85 13.13
C ALA A 593 18.72 -11.45 14.40
N PHE A 594 19.98 -11.10 14.60
CA PHE A 594 20.79 -11.66 15.69
C PHE A 594 21.61 -10.56 16.34
N TYR A 595 21.91 -10.69 17.62
CA TYR A 595 22.82 -9.73 18.27
C TYR A 595 23.63 -10.40 19.33
N TYR A 596 24.81 -9.85 19.61
CA TYR A 596 25.59 -10.28 20.82
C TYR A 596 25.76 -9.04 21.76
N VAL A 597 25.91 -9.33 23.03
CA VAL A 597 26.22 -8.26 24.03
C VAL A 597 27.72 -8.19 24.22
N GLY A 598 28.30 -7.08 23.81
CA GLY A 598 29.71 -6.82 24.03
C GLY A 598 29.99 -6.65 25.53
N GLU A 599 31.26 -6.61 25.85
CA GLU A 599 31.64 -6.54 27.26
C GLU A 599 31.33 -5.15 27.82
N ASN A 600 31.02 -4.21 26.94
CA ASN A 600 30.56 -2.88 27.29
C ASN A 600 29.05 -2.85 27.53
N GLY A 601 28.37 -3.98 27.48
CA GLY A 601 26.92 -3.98 27.70
C GLY A 601 26.09 -3.48 26.48
N GLU A 602 26.77 -3.27 25.36
CA GLU A 602 26.10 -2.77 24.14
C GLU A 602 25.66 -3.92 23.18
N ARG A 603 24.49 -3.83 22.59
CA ARG A 603 24.10 -4.87 21.60
C ARG A 603 24.70 -4.56 20.23
N ASN A 604 25.36 -5.55 19.65
CA ASN A 604 25.94 -5.44 18.32
C ASN A 604 25.24 -6.41 17.39
N TRP A 605 24.52 -5.89 16.42
CA TRP A 605 23.71 -6.75 15.55
C TRP A 605 24.52 -7.34 14.44
N VAL A 606 24.39 -8.66 14.29
CA VAL A 606 25.15 -9.40 13.32
C VAL A 606 24.25 -9.99 12.21
N SER A 607 24.59 -9.64 10.96
CA SER A 607 23.83 -10.08 9.77
C SER A 607 23.60 -11.60 9.81
N PRO A 608 22.40 -12.06 9.45
CA PRO A 608 22.18 -13.52 9.38
C PRO A 608 23.06 -14.17 8.31
N VAL A 609 23.29 -13.45 7.20
CA VAL A 609 24.38 -13.77 6.24
C VAL A 609 25.64 -14.23 6.97
N ASP A 610 26.08 -13.46 7.99
CA ASP A 610 27.32 -13.68 8.82
C ASP A 610 27.14 -14.48 10.15
N ALA A 611 26.00 -15.14 10.34
CA ALA A 611 25.77 -15.87 11.60
C ALA A 611 26.02 -17.29 11.33
N ILE A 612 26.51 -17.99 12.33
CA ILE A 612 26.68 -19.44 12.21
C ILE A 612 25.76 -20.00 13.25
N VAL A 613 24.57 -20.42 12.83
CA VAL A 613 23.61 -21.05 13.75
C VAL A 613 23.96 -22.49 14.01
N GLU A 614 23.42 -23.09 15.06
CA GLU A 614 23.37 -24.54 15.11
C GLU A 614 22.07 -25.07 15.69
N ARG A 615 21.47 -25.99 14.94
CA ARG A 615 20.09 -26.47 15.11
C ARG A 615 20.02 -27.70 16.02
N ASP A 616 18.84 -28.02 16.55
CA ASP A 616 18.65 -29.24 17.38
C ASP A 616 18.19 -30.45 16.54
N GLU A 617 17.65 -31.48 17.19
CA GLU A 617 17.17 -32.72 16.54
C GLU A 617 16.05 -32.50 15.52
N LYS A 618 15.25 -31.46 15.71
CA LYS A 618 14.13 -31.12 14.82
C LYS A 618 14.41 -29.89 13.98
N GLY A 619 15.62 -29.35 14.08
CA GLY A 619 15.98 -28.14 13.35
C GLY A 619 15.74 -26.79 14.01
N ARG A 620 15.27 -26.72 15.26
CA ARG A 620 15.21 -25.39 15.93
C ARG A 620 16.61 -24.78 16.16
N ILE A 621 16.78 -23.49 15.87
CA ILE A 621 17.99 -22.74 16.26
C ILE A 621 18.12 -22.74 17.77
N VAL A 622 19.26 -23.16 18.30
CA VAL A 622 19.43 -23.25 19.77
C VAL A 622 20.74 -22.66 20.32
N LYS A 623 21.67 -22.28 19.44
CA LYS A 623 22.83 -21.45 19.82
C LYS A 623 23.44 -20.91 18.51
N ALA A 624 24.18 -19.80 18.58
CA ALA A 624 24.73 -19.22 17.36
C ALA A 624 25.96 -18.33 17.60
N LYS A 625 26.91 -18.23 16.64
CA LYS A 625 28.03 -17.25 16.77
C LYS A 625 28.39 -16.51 15.48
N ASP A 626 29.14 -15.41 15.60
CA ASP A 626 29.74 -14.81 14.38
C ASP A 626 31.14 -15.41 14.18
N ALA A 627 31.80 -14.98 13.09
CA ALA A 627 33.20 -15.34 12.78
C ALA A 627 34.17 -15.02 13.95
N ALA A 628 33.98 -13.88 14.61
CA ALA A 628 34.79 -13.50 15.77
C ALA A 628 34.55 -14.34 17.04
N GLY A 629 33.71 -15.38 17.00
CA GLY A 629 33.43 -16.19 18.21
C GLY A 629 32.40 -15.65 19.22
N HIS A 630 31.69 -14.56 18.88
CA HIS A 630 30.70 -13.96 19.81
C HIS A 630 29.45 -14.76 19.82
N GLU A 631 28.92 -15.02 21.00
CA GLU A 631 27.66 -15.70 21.16
C GLU A 631 26.45 -14.78 20.78
N LEU A 632 25.51 -15.30 19.97
CA LEU A 632 24.39 -14.50 19.41
C LEU A 632 23.04 -14.88 20.03
N VAL A 633 22.17 -13.90 20.34
CA VAL A 633 20.77 -14.16 20.70
C VAL A 633 19.93 -14.00 19.42
N TYR A 634 19.07 -14.96 19.16
CA TYR A 634 18.20 -14.96 17.95
C TYR A 634 16.89 -14.24 18.30
N THR A 635 16.54 -13.18 17.59
CA THR A 635 15.34 -12.44 17.90
C THR A 635 14.20 -12.72 16.89
N GLY A 636 14.34 -13.70 16.03
CA GLY A 636 13.25 -14.03 15.09
C GLY A 636 13.33 -13.22 13.81
N MET A 637 12.28 -13.33 13.00
CA MET A 637 12.19 -12.65 11.73
C MET A 637 11.81 -11.18 11.97
N SER A 638 12.43 -10.20 11.33
CA SER A 638 12.04 -8.81 11.58
C SER A 638 12.23 -8.02 10.31
N LYS A 639 11.68 -6.82 10.31
CA LYS A 639 11.78 -5.90 9.18
C LYS A 639 13.25 -5.70 8.84
N MET A 640 13.62 -5.70 7.56
CA MET A 640 15.02 -5.50 7.20
C MET A 640 15.41 -4.03 7.49
N SER A 641 16.60 -3.82 8.05
CA SER A 641 17.05 -2.46 8.34
C SER A 641 18.56 -2.37 8.50
N LYS A 642 19.07 -1.13 8.57
CA LYS A 642 20.49 -0.88 8.85
C LYS A 642 20.81 -1.18 10.31
N SER A 643 19.89 -0.79 11.20
CA SER A 643 20.08 -0.94 12.64
C SER A 643 20.29 -2.40 13.07
N LYS A 644 19.47 -3.32 12.56
CA LYS A 644 19.56 -4.75 12.93
C LYS A 644 20.51 -5.49 12.06
N ASN A 645 21.08 -4.82 11.08
CA ASN A 645 22.07 -5.45 10.25
C ASN A 645 21.61 -6.71 9.47
N ASN A 646 20.31 -6.80 9.17
CA ASN A 646 19.77 -8.03 8.57
C ASN A 646 19.30 -7.79 7.11
N GLY A 647 19.77 -6.72 6.46
CA GLY A 647 19.38 -6.43 5.07
C GLY A 647 20.01 -7.40 4.11
N ILE A 648 19.30 -7.72 3.04
CA ILE A 648 19.80 -8.58 1.99
C ILE A 648 19.79 -7.72 0.72
N ASP A 649 20.91 -7.66 0.01
CA ASP A 649 21.04 -6.87 -1.19
C ASP A 649 20.49 -7.69 -2.33
N PRO A 650 19.45 -7.18 -3.04
CA PRO A 650 18.91 -8.02 -4.11
C PRO A 650 19.89 -8.26 -5.22
N GLN A 651 20.77 -7.30 -5.49
CA GLN A 651 21.79 -7.48 -6.53
C GLN A 651 22.68 -8.69 -6.29
N VAL A 652 23.07 -8.95 -5.04
CA VAL A 652 23.89 -10.13 -4.74
C VAL A 652 23.16 -11.40 -5.08
N MET A 653 21.87 -11.45 -4.76
CA MET A 653 21.09 -12.63 -5.06
C MET A 653 20.78 -12.80 -6.55
N VAL A 654 20.57 -11.73 -7.28
CA VAL A 654 20.36 -11.85 -8.73
C VAL A 654 21.65 -12.38 -9.38
N GLU A 655 22.78 -11.83 -8.97
CA GLU A 655 24.08 -12.30 -9.48
C GLU A 655 24.39 -13.69 -9.03
N ARG A 656 23.98 -14.08 -7.83
CA ARG A 656 24.23 -15.45 -7.42
C ARG A 656 23.33 -16.45 -8.15
N TYR A 657 22.02 -16.19 -8.25
CA TYR A 657 21.08 -17.26 -8.62
C TYR A 657 20.39 -17.05 -9.96
N GLY A 658 20.44 -15.81 -10.43
CA GLY A 658 19.74 -15.31 -11.60
C GLY A 658 18.45 -14.60 -11.18
N ALA A 659 17.99 -13.69 -12.00
CA ALA A 659 16.73 -13.00 -11.74
C ALA A 659 15.58 -14.01 -11.59
N ASP A 660 15.50 -15.04 -12.43
CA ASP A 660 14.30 -15.92 -12.41
C ASP A 660 14.12 -16.61 -11.07
N THR A 661 15.20 -17.07 -10.48
CA THR A 661 15.17 -17.70 -9.16
C THR A 661 14.65 -16.75 -8.14
N VAL A 662 15.15 -15.51 -8.19
CA VAL A 662 14.81 -14.51 -7.17
C VAL A 662 13.34 -14.18 -7.32
N ARG A 663 12.88 -13.90 -8.54
CA ARG A 663 11.48 -13.62 -8.77
C ARG A 663 10.58 -14.76 -8.29
N LEU A 664 10.93 -15.97 -8.62
CA LEU A 664 10.11 -17.11 -8.27
C LEU A 664 10.01 -17.25 -6.75
N PHE A 665 11.13 -17.21 -6.07
CA PHE A 665 11.09 -17.31 -4.62
C PHE A 665 10.16 -16.23 -4.02
N MET A 666 10.31 -15.01 -4.48
CA MET A 666 9.54 -13.96 -3.87
C MET A 666 8.03 -14.09 -4.15
N MET A 667 7.66 -14.65 -5.30
CA MET A 667 6.23 -14.87 -5.56
C MET A 667 5.68 -16.11 -4.82
N PHE A 668 6.57 -17.06 -4.60
CA PHE A 668 6.23 -18.37 -4.04
C PHE A 668 6.07 -18.34 -2.54
N ALA A 669 6.84 -17.48 -1.87
CA ALA A 669 7.07 -17.68 -0.45
C ALA A 669 5.85 -17.34 0.39
N SER A 670 5.04 -16.41 -0.04
CA SER A 670 3.95 -15.95 0.76
C SER A 670 2.96 -15.25 -0.14
N PRO A 671 1.68 -15.18 0.22
CA PRO A 671 0.75 -14.34 -0.54
C PRO A 671 1.24 -12.92 -0.57
N ALA A 672 0.96 -12.28 -1.69
CA ALA A 672 1.47 -10.94 -1.94
C ALA A 672 1.21 -9.93 -0.83
N ASP A 673 0.04 -10.00 -0.21
CA ASP A 673 -0.27 -8.99 0.75
C ASP A 673 0.19 -9.43 2.17
N MET A 674 0.82 -10.58 2.30
CA MET A 674 1.30 -10.96 3.64
C MET A 674 2.78 -10.69 3.74
N THR A 675 3.32 -10.70 4.99
CA THR A 675 4.73 -10.51 5.15
C THR A 675 5.43 -11.69 4.47
N LEU A 676 6.64 -11.43 3.96
CA LEU A 676 7.46 -12.45 3.33
C LEU A 676 8.77 -12.71 4.12
N GLU A 677 9.02 -13.93 4.50
CA GLU A 677 10.20 -14.28 5.26
C GLU A 677 11.25 -14.77 4.35
N TRP A 678 12.29 -13.96 4.22
CA TRP A 678 13.40 -14.34 3.37
C TRP A 678 14.21 -15.47 3.95
N GLN A 679 14.47 -16.48 3.14
CA GLN A 679 15.25 -17.66 3.51
C GLN A 679 16.09 -18.07 2.32
N GLU A 680 17.41 -17.99 2.44
CA GLU A 680 18.28 -18.35 1.29
C GLU A 680 18.03 -19.81 0.87
N SER A 681 17.66 -20.64 1.82
CA SER A 681 17.40 -22.03 1.57
C SER A 681 16.13 -22.20 0.65
N GLY A 682 15.17 -21.29 0.80
CA GLY A 682 14.03 -21.17 -0.15
C GLY A 682 14.46 -20.68 -1.52
N VAL A 683 15.37 -19.70 -1.58
CA VAL A 683 15.89 -19.25 -2.88
C VAL A 683 16.62 -20.39 -3.58
N GLU A 684 17.33 -21.18 -2.82
CA GLU A 684 18.04 -22.32 -3.38
C GLU A 684 17.06 -23.35 -3.90
N GLY A 685 15.96 -23.51 -3.18
CA GLY A 685 14.91 -24.42 -3.56
C GLY A 685 14.28 -23.99 -4.86
N ALA A 686 14.07 -22.68 -5.03
CA ALA A 686 13.49 -22.12 -6.25
C ALA A 686 14.46 -22.40 -7.41
N ASN A 687 15.76 -22.22 -7.17
CA ASN A 687 16.78 -22.44 -8.21
C ASN A 687 16.79 -23.91 -8.69
N ARG A 688 16.66 -24.82 -7.73
CA ARG A 688 16.64 -26.26 -8.04
C ARG A 688 15.43 -26.63 -8.83
N PHE A 689 14.26 -26.04 -8.52
CA PHE A 689 13.05 -26.24 -9.29
C PHE A 689 13.25 -25.85 -10.75
N LEU A 690 13.84 -24.70 -10.99
CA LEU A 690 14.08 -24.27 -12.35
C LEU A 690 15.05 -25.19 -13.09
N LYS A 691 16.05 -25.69 -12.38
CA LYS A 691 16.94 -26.69 -12.96
C LYS A 691 16.19 -27.98 -13.29
N ARG A 692 15.25 -28.41 -12.46
CA ARG A 692 14.39 -29.53 -12.83
C ARG A 692 13.51 -29.27 -14.07
N VAL A 693 12.95 -28.07 -14.21
CA VAL A 693 12.17 -27.74 -15.41
C VAL A 693 13.06 -27.79 -16.66
N TRP A 694 14.23 -27.16 -16.58
CA TRP A 694 15.21 -27.16 -17.65
C TRP A 694 15.54 -28.60 -18.07
N LYS A 695 15.75 -29.45 -17.08
CA LYS A 695 16.14 -30.82 -17.31
C LYS A 695 15.08 -31.59 -18.08
N LEU A 696 13.82 -31.39 -17.69
CA LEU A 696 12.72 -32.13 -18.29
C LEU A 696 12.59 -31.72 -19.74
N VAL A 697 12.73 -30.44 -20.01
CA VAL A 697 12.56 -29.96 -21.38
C VAL A 697 13.79 -30.44 -22.20
N TYR A 698 14.98 -30.51 -21.60
CA TYR A 698 16.20 -30.93 -22.32
C TYR A 698 16.04 -32.37 -22.78
N GLU A 699 15.64 -33.25 -21.87
CA GLU A 699 15.42 -34.67 -22.13
C GLU A 699 14.31 -34.95 -23.14
N HIS A 700 13.22 -34.18 -23.07
CA HIS A 700 12.14 -34.30 -24.00
C HIS A 700 12.54 -33.80 -25.39
N THR A 701 13.16 -32.63 -25.47
CA THR A 701 13.52 -32.11 -26.77
C THR A 701 14.66 -32.88 -27.41
N ALA A 702 15.44 -33.60 -26.62
CA ALA A 702 16.55 -34.40 -27.15
C ALA A 702 16.03 -35.53 -28.09
N LYS A 703 14.80 -35.98 -27.88
CA LYS A 703 14.22 -37.02 -28.73
C LYS A 703 13.51 -36.49 -29.98
N GLY A 704 13.55 -35.19 -30.23
CA GLY A 704 13.07 -34.60 -31.48
C GLY A 704 11.57 -34.34 -31.56
N ASP A 705 11.09 -34.08 -32.76
CA ASP A 705 9.67 -33.81 -33.07
C ASP A 705 8.71 -34.84 -32.51
N VAL A 706 7.46 -34.43 -32.29
CA VAL A 706 6.44 -35.32 -31.74
C VAL A 706 5.33 -35.46 -32.76
N ALA A 707 4.61 -36.57 -32.72
CA ALA A 707 3.45 -36.74 -33.57
C ALA A 707 2.32 -35.94 -32.92
N ALA A 708 1.28 -35.65 -33.68
CA ALA A 708 0.00 -35.17 -33.18
C ALA A 708 -0.55 -36.07 -32.06
N LEU A 709 -0.99 -35.45 -30.97
CA LEU A 709 -1.69 -36.20 -29.90
C LEU A 709 -3.03 -36.82 -30.37
N ASN A 710 -3.24 -38.08 -30.05
CA ASN A 710 -4.52 -38.72 -30.26
C ASN A 710 -5.26 -38.78 -28.94
N VAL A 711 -6.25 -37.89 -28.79
CA VAL A 711 -6.92 -37.71 -27.50
C VAL A 711 -7.93 -38.85 -27.21
N ASP A 712 -8.41 -39.54 -28.24
CA ASP A 712 -9.39 -40.62 -28.00
C ASP A 712 -8.79 -41.95 -27.67
N ALA A 713 -7.56 -42.23 -28.11
CA ALA A 713 -6.93 -43.51 -27.78
C ALA A 713 -6.01 -43.49 -26.57
N LEU A 714 -6.20 -42.59 -25.62
CA LEU A 714 -5.30 -42.55 -24.46
C LEU A 714 -5.65 -43.58 -23.40
N THR A 715 -4.64 -44.09 -22.74
CA THR A 715 -4.83 -45.04 -21.70
C THR A 715 -5.54 -44.32 -20.56
N GLU A 716 -5.95 -45.06 -19.53
CA GLU A 716 -6.51 -44.43 -18.35
C GLU A 716 -5.40 -43.63 -17.67
N ASN A 717 -4.17 -44.14 -17.63
CA ASN A 717 -3.07 -43.38 -17.02
C ASN A 717 -2.76 -42.10 -17.75
N GLN A 718 -2.83 -42.14 -19.08
CA GLN A 718 -2.57 -40.95 -19.88
C GLN A 718 -3.67 -39.94 -19.64
N LYS A 719 -4.90 -40.44 -19.57
CA LYS A 719 -6.06 -39.59 -19.39
C LYS A 719 -5.99 -38.87 -18.06
N ALA A 720 -5.47 -39.51 -17.02
CA ALA A 720 -5.35 -38.88 -15.72
C ALA A 720 -4.26 -37.79 -15.72
N LEU A 721 -3.13 -38.02 -16.40
CA LEU A 721 -2.09 -37.04 -16.45
C LEU A 721 -2.56 -35.81 -17.21
N ARG A 722 -3.25 -36.03 -18.34
CA ARG A 722 -3.80 -34.93 -19.11
C ARG A 722 -4.88 -34.18 -18.35
N ARG A 723 -5.67 -34.92 -17.59
CA ARG A 723 -6.66 -34.26 -16.77
C ARG A 723 -5.91 -33.34 -15.77
N ASP A 724 -4.83 -33.84 -15.18
CA ASP A 724 -4.03 -33.05 -14.23
C ASP A 724 -3.40 -31.80 -14.86
N VAL A 725 -2.97 -31.91 -16.11
CA VAL A 725 -2.44 -30.77 -16.83
C VAL A 725 -3.52 -29.72 -16.94
N HIS A 726 -4.70 -30.10 -17.41
CA HIS A 726 -5.75 -29.09 -17.61
C HIS A 726 -6.42 -28.55 -16.36
N LYS A 727 -6.58 -29.39 -15.34
CA LYS A 727 -7.03 -28.88 -14.09
C LYS A 727 -6.03 -27.86 -13.52
N THR A 728 -4.73 -28.10 -13.73
CA THR A 728 -3.69 -27.19 -13.30
C THR A 728 -3.82 -25.87 -14.04
N ILE A 729 -4.01 -25.90 -15.37
CA ILE A 729 -4.28 -24.70 -16.13
C ILE A 729 -5.47 -23.92 -15.52
N ALA A 730 -6.56 -24.59 -15.19
CA ALA A 730 -7.74 -23.90 -14.66
C ALA A 730 -7.46 -23.27 -13.32
N LYS A 731 -6.74 -23.98 -12.46
CA LYS A 731 -6.48 -23.51 -11.10
C LYS A 731 -5.53 -22.33 -11.07
N VAL A 732 -4.45 -22.45 -11.82
CA VAL A 732 -3.43 -21.44 -11.93
C VAL A 732 -4.08 -20.18 -12.54
N THR A 733 -4.93 -20.35 -13.55
CA THR A 733 -5.69 -19.22 -14.11
C THR A 733 -6.51 -18.51 -13.06
N ASP A 734 -7.28 -19.28 -12.29
CA ASP A 734 -8.16 -18.70 -11.30
C ASP A 734 -7.31 -18.03 -10.17
N ASP A 735 -6.19 -18.66 -9.83
CA ASP A 735 -5.33 -18.16 -8.73
C ASP A 735 -4.63 -16.86 -9.08
N ILE A 736 -4.11 -16.76 -10.30
CA ILE A 736 -3.44 -15.56 -10.70
C ILE A 736 -4.45 -14.46 -10.96
N GLY A 737 -5.49 -14.75 -11.74
CA GLY A 737 -6.39 -13.73 -12.23
C GLY A 737 -7.56 -13.35 -11.30
N ARG A 738 -8.18 -14.29 -10.63
CA ARG A 738 -9.28 -13.91 -9.75
C ARG A 738 -8.79 -13.72 -8.31
N ARG A 739 -8.20 -14.76 -7.75
CA ARG A 739 -7.86 -14.78 -6.30
C ARG A 739 -6.59 -14.04 -5.92
N GLN A 740 -5.70 -13.83 -6.90
CA GLN A 740 -4.43 -13.17 -6.70
C GLN A 740 -3.59 -13.85 -5.62
N THR A 741 -3.65 -15.18 -5.54
CA THR A 741 -2.80 -15.99 -4.65
C THR A 741 -1.70 -16.64 -5.49
N PHE A 742 -0.61 -15.94 -5.68
CA PHE A 742 0.45 -16.38 -6.62
C PHE A 742 1.26 -17.55 -6.06
N ASN A 743 1.36 -17.65 -4.72
CA ASN A 743 2.02 -18.73 -4.08
C ASN A 743 1.34 -20.04 -4.38
N THR A 744 0.01 -20.10 -4.34
CA THR A 744 -0.69 -21.33 -4.63
C THR A 744 -0.70 -21.65 -6.13
N ALA A 745 -0.63 -20.64 -7.01
CA ALA A 745 -0.44 -20.86 -8.43
C ALA A 745 0.87 -21.63 -8.66
N ILE A 746 1.95 -21.15 -8.06
CA ILE A 746 3.24 -21.76 -8.28
C ILE A 746 3.24 -23.17 -7.71
N ALA A 747 2.67 -23.32 -6.52
CA ALA A 747 2.57 -24.64 -5.87
C ALA A 747 1.88 -25.66 -6.80
N ALA A 748 0.77 -25.24 -7.43
CA ALA A 748 0.08 -26.06 -8.44
C ALA A 748 0.98 -26.43 -9.62
N ILE A 749 1.74 -25.49 -10.16
CA ILE A 749 2.72 -25.83 -11.19
C ILE A 749 3.84 -26.81 -10.74
N MET A 750 4.43 -26.59 -9.57
CA MET A 750 5.35 -27.58 -9.01
C MET A 750 4.74 -28.97 -8.84
N GLU A 751 3.52 -29.06 -8.33
CA GLU A 751 2.92 -30.33 -8.12
C GLU A 751 2.72 -31.05 -9.48
N LEU A 752 2.32 -30.33 -10.51
CA LEU A 752 2.17 -30.93 -11.85
C LEU A 752 3.53 -31.37 -12.38
N MET A 753 4.54 -30.52 -12.26
CA MET A 753 5.90 -30.83 -12.70
C MET A 753 6.44 -32.10 -12.06
N ASN A 754 6.17 -32.30 -10.76
CA ASN A 754 6.52 -33.60 -10.10
C ASN A 754 5.92 -34.82 -10.79
N LYS A 755 4.63 -34.77 -11.07
CA LYS A 755 3.98 -35.80 -11.86
C LYS A 755 4.59 -35.98 -13.26
N LEU A 756 4.87 -34.89 -13.95
CA LEU A 756 5.39 -34.94 -15.32
C LEU A 756 6.75 -35.62 -15.34
N ALA A 757 7.56 -35.38 -14.33
CA ALA A 757 8.90 -35.99 -14.21
C ALA A 757 8.84 -37.51 -14.05
N LYS A 758 7.72 -38.03 -13.56
CA LYS A 758 7.54 -39.47 -13.38
C LYS A 758 6.80 -40.14 -14.55
N ALA A 759 6.36 -39.38 -15.54
CA ALA A 759 5.56 -39.93 -16.64
C ALA A 759 6.48 -40.63 -17.64
N PRO A 760 6.00 -41.74 -18.25
CA PRO A 760 6.78 -42.36 -19.35
C PRO A 760 6.95 -41.39 -20.51
N THR A 761 8.02 -41.52 -21.30
CA THR A 761 8.20 -40.64 -22.47
C THR A 761 8.89 -41.34 -23.68
N ASP A 762 8.55 -42.62 -23.90
CA ASP A 762 9.18 -43.39 -24.97
C ASP A 762 8.20 -43.54 -26.14
N GLY A 763 6.99 -44.01 -25.87
CA GLY A 763 5.96 -44.11 -26.91
C GLY A 763 5.61 -42.76 -27.46
N GLU A 764 5.17 -42.73 -28.73
CA GLU A 764 4.87 -41.48 -29.44
C GLU A 764 3.79 -40.63 -28.75
N GLN A 765 2.79 -41.33 -28.23
CA GLN A 765 1.66 -40.72 -27.52
C GLN A 765 2.08 -40.12 -26.17
N ASP A 766 2.89 -40.86 -25.44
CA ASP A 766 3.45 -40.32 -24.20
C ASP A 766 4.21 -38.99 -24.47
N ARG A 767 4.97 -38.97 -25.57
CA ARG A 767 5.71 -37.78 -26.02
C ARG A 767 4.87 -36.61 -26.50
N ALA A 768 3.79 -36.87 -27.26
CA ALA A 768 2.86 -35.79 -27.64
C ALA A 768 2.18 -35.19 -26.42
N LEU A 769 1.86 -36.02 -25.45
CA LEU A 769 1.21 -35.60 -24.25
C LEU A 769 2.16 -34.69 -23.41
N MET A 770 3.41 -35.13 -23.27
CA MET A 770 4.46 -34.34 -22.64
C MET A 770 4.68 -33.01 -23.37
N GLN A 771 4.70 -33.03 -24.69
CA GLN A 771 4.83 -31.81 -25.45
C GLN A 771 3.72 -30.81 -25.08
N GLU A 772 2.48 -31.27 -25.04
CA GLU A 772 1.34 -30.38 -24.69
C GLU A 772 1.50 -29.86 -23.23
N ALA A 773 1.91 -30.74 -22.32
CA ALA A 773 2.07 -30.34 -20.94
C ALA A 773 3.16 -29.31 -20.76
N LEU A 774 4.26 -29.48 -21.46
CA LEU A 774 5.37 -28.60 -21.28
C LEU A 774 5.11 -27.26 -21.91
N LEU A 775 4.49 -27.25 -23.07
CA LEU A 775 4.05 -26.02 -23.67
C LEU A 775 3.09 -25.26 -22.71
N ALA A 776 2.25 -25.96 -21.97
CA ALA A 776 1.38 -25.32 -20.98
C ALA A 776 2.17 -24.82 -19.76
N VAL A 777 3.07 -25.65 -19.21
CA VAL A 777 3.86 -25.29 -18.04
C VAL A 777 4.78 -24.06 -18.26
N VAL A 778 5.43 -24.02 -19.42
CA VAL A 778 6.34 -22.94 -19.73
C VAL A 778 5.56 -21.63 -19.86
N ARG A 779 4.39 -21.67 -20.48
CA ARG A 779 3.53 -20.48 -20.47
C ARG A 779 3.05 -20.05 -19.07
N MET A 780 2.67 -21.02 -18.23
CA MET A 780 2.17 -20.72 -16.88
C MET A 780 3.25 -20.15 -15.99
N LEU A 781 4.49 -20.55 -16.21
CA LEU A 781 5.60 -20.07 -15.40
C LEU A 781 6.06 -18.73 -15.89
N ASN A 782 5.76 -18.40 -17.14
CA ASN A 782 6.32 -17.22 -17.81
C ASN A 782 6.15 -15.86 -17.11
N PRO A 783 4.96 -15.60 -16.52
CA PRO A 783 4.92 -14.32 -15.86
C PRO A 783 5.86 -14.26 -14.66
N PHE A 784 6.15 -15.40 -14.04
CA PHE A 784 7.14 -15.43 -12.92
C PHE A 784 8.61 -15.45 -13.33
N THR A 785 8.94 -16.28 -14.30
CA THR A 785 10.33 -16.58 -14.66
C THR A 785 10.49 -16.39 -16.17
N PRO A 786 10.38 -15.13 -16.65
CA PRO A 786 10.23 -15.00 -18.11
C PRO A 786 11.52 -15.31 -18.91
N HIS A 787 12.69 -15.26 -18.30
CA HIS A 787 13.92 -15.55 -19.10
C HIS A 787 14.05 -16.99 -19.52
N ILE A 788 14.01 -17.88 -18.53
CA ILE A 788 14.02 -19.31 -18.78
C ILE A 788 12.84 -19.70 -19.70
N CYS A 789 11.66 -19.17 -19.43
CA CYS A 789 10.50 -19.50 -20.24
C CYS A 789 10.59 -19.02 -21.71
N PHE A 790 11.12 -17.83 -21.92
CA PHE A 790 11.33 -17.33 -23.25
C PHE A 790 12.20 -18.34 -24.02
N THR A 791 13.20 -18.86 -23.34
CA THR A 791 14.14 -19.78 -23.97
C THR A 791 13.55 -21.15 -24.13
N LEU A 792 12.90 -21.68 -23.08
CA LEU A 792 12.32 -22.99 -23.16
C LEU A 792 11.28 -23.05 -24.27
N TRP A 793 10.49 -22.00 -24.44
CA TRP A 793 9.48 -21.96 -25.50
C TRP A 793 10.08 -22.14 -26.88
N GLN A 794 11.21 -21.50 -27.14
CA GLN A 794 11.90 -21.71 -28.42
C GLN A 794 12.38 -23.14 -28.57
N GLU A 795 12.89 -23.73 -27.49
CA GLU A 795 13.36 -25.09 -27.57
C GLU A 795 12.25 -26.05 -27.87
N LEU A 796 11.05 -25.75 -27.39
CA LEU A 796 9.92 -26.61 -27.59
C LEU A 796 9.34 -26.42 -28.96
N LYS A 797 9.77 -25.36 -29.63
CA LYS A 797 9.26 -24.98 -30.94
C LYS A 797 7.88 -24.39 -30.91
N GLY A 798 7.60 -23.68 -29.81
CA GLY A 798 6.36 -22.94 -29.68
C GLY A 798 6.36 -21.82 -30.71
N GLU A 799 5.19 -21.34 -31.07
CA GLU A 799 5.07 -20.35 -32.14
C GLU A 799 5.35 -18.94 -31.63
N GLY A 800 6.17 -18.20 -32.38
CA GLY A 800 6.57 -16.82 -32.04
C GLY A 800 7.21 -16.70 -30.68
N ASP A 801 7.30 -15.47 -30.20
CA ASP A 801 7.86 -15.18 -28.91
C ASP A 801 6.85 -15.47 -27.80
N ILE A 802 7.34 -15.97 -26.65
CA ILE A 802 6.44 -16.35 -25.56
C ILE A 802 5.63 -15.14 -25.03
N ASP A 803 6.19 -13.97 -25.13
CA ASP A 803 5.55 -12.78 -24.57
C ASP A 803 4.20 -12.48 -25.16
N ASN A 804 4.02 -12.90 -26.39
CA ASN A 804 2.78 -12.74 -27.10
C ASN A 804 2.08 -14.07 -27.45
N ALA A 805 2.43 -15.14 -26.75
CA ALA A 805 1.76 -16.43 -26.89
C ALA A 805 0.49 -16.35 -26.07
N PRO A 806 -0.58 -17.09 -26.45
CA PRO A 806 -1.79 -17.04 -25.70
C PRO A 806 -1.67 -17.83 -24.36
N TRP A 807 -2.30 -17.32 -23.32
CA TRP A 807 -2.35 -17.99 -22.03
C TRP A 807 -3.07 -19.31 -22.26
N PRO A 808 -2.59 -20.46 -21.72
CA PRO A 808 -3.32 -21.72 -21.96
C PRO A 808 -4.71 -21.67 -21.36
N VAL A 809 -5.67 -22.27 -22.08
CA VAL A 809 -7.04 -22.39 -21.65
C VAL A 809 -7.33 -23.88 -21.48
N ALA A 810 -7.91 -24.21 -20.37
CA ALA A 810 -8.19 -25.60 -20.06
C ALA A 810 -9.23 -26.26 -21.01
N ASP A 811 -8.93 -27.43 -21.50
CA ASP A 811 -9.84 -28.17 -22.41
C ASP A 811 -10.86 -28.94 -21.53
N GLU A 812 -12.11 -28.55 -21.58
CA GLU A 812 -13.16 -29.21 -20.77
C GLU A 812 -13.25 -30.73 -20.99
N LYS A 813 -13.11 -31.18 -22.23
CA LYS A 813 -13.06 -32.61 -22.53
C LYS A 813 -11.91 -33.34 -21.81
N ALA A 814 -10.73 -32.72 -21.71
CA ALA A 814 -9.60 -33.34 -20.98
C ALA A 814 -9.83 -33.50 -19.46
N MET A 815 -10.73 -32.72 -18.90
CA MET A 815 -10.98 -32.69 -17.48
C MET A 815 -12.09 -33.61 -17.02
N VAL A 816 -12.80 -34.25 -17.94
CA VAL A 816 -13.93 -35.11 -17.56
C VAL A 816 -13.34 -36.29 -16.83
N GLU A 817 -13.96 -36.73 -15.76
CA GLU A 817 -13.46 -37.86 -14.99
C GLU A 817 -14.22 -39.13 -15.40
N ASP A 818 -13.58 -40.29 -15.43
CA ASP A 818 -14.37 -41.50 -15.65
C ASP A 818 -14.58 -42.28 -14.33
N SER A 819 -13.98 -41.82 -13.24
CA SER A 819 -14.10 -42.49 -11.99
C SER A 819 -14.09 -41.37 -11.00
N THR A 820 -14.56 -41.65 -9.79
CA THR A 820 -14.50 -40.68 -8.74
C THR A 820 -14.15 -41.37 -7.43
N LEU A 821 -13.56 -40.58 -6.54
CA LEU A 821 -13.14 -41.10 -5.24
C LEU A 821 -14.21 -40.77 -4.18
N VAL A 822 -14.74 -41.78 -3.52
CA VAL A 822 -15.73 -41.53 -2.49
C VAL A 822 -15.11 -41.81 -1.10
N VAL A 823 -15.23 -40.86 -0.20
CA VAL A 823 -14.78 -41.03 1.16
C VAL A 823 -15.91 -41.70 1.94
N VAL A 824 -15.65 -42.90 2.47
CA VAL A 824 -16.63 -43.67 3.25
C VAL A 824 -16.29 -43.48 4.69
N GLN A 825 -17.22 -42.82 5.38
CA GLN A 825 -17.22 -42.66 6.83
C GLN A 825 -18.23 -43.60 7.51
N VAL A 826 -17.95 -43.91 8.76
CA VAL A 826 -18.88 -44.64 9.63
C VAL A 826 -18.95 -43.80 10.86
N ASN A 827 -20.15 -43.27 11.13
CA ASN A 827 -20.37 -42.26 12.13
C ASN A 827 -19.35 -41.14 12.03
N GLY A 828 -19.30 -40.47 10.89
CA GLY A 828 -18.45 -39.28 10.79
C GLY A 828 -16.93 -39.48 10.70
N LYS A 829 -16.46 -40.71 10.92
CA LYS A 829 -15.02 -40.99 10.91
C LYS A 829 -14.63 -41.77 9.68
N VAL A 830 -13.60 -41.29 8.96
CA VAL A 830 -13.19 -41.91 7.72
C VAL A 830 -12.73 -43.35 7.92
N ARG A 831 -13.24 -44.27 7.12
CA ARG A 831 -12.85 -45.64 7.26
C ARG A 831 -12.33 -46.23 6.00
N ALA A 832 -12.71 -45.69 4.84
CA ALA A 832 -12.15 -46.06 3.55
C ALA A 832 -12.27 -44.92 2.54
N LYS A 833 -11.57 -45.08 1.44
CA LYS A 833 -11.71 -44.18 0.31
C LYS A 833 -11.72 -45.10 -0.86
N ILE A 834 -12.83 -45.11 -1.58
CA ILE A 834 -13.05 -46.05 -2.64
C ILE A 834 -13.18 -45.29 -3.97
N THR A 835 -12.75 -45.91 -5.07
CA THR A 835 -12.86 -45.37 -6.40
C THR A 835 -13.96 -46.14 -7.11
N VAL A 836 -14.95 -45.42 -7.67
CA VAL A 836 -16.12 -46.03 -8.30
C VAL A 836 -16.35 -45.41 -9.68
N PRO A 837 -17.11 -46.07 -10.56
CA PRO A 837 -17.41 -45.36 -11.81
C PRO A 837 -18.07 -43.98 -11.53
N VAL A 838 -17.78 -42.98 -12.36
CA VAL A 838 -18.15 -41.61 -12.03
C VAL A 838 -19.64 -41.41 -11.85
N ASP A 839 -20.45 -42.18 -12.55
CA ASP A 839 -21.88 -42.10 -12.45
C ASP A 839 -22.48 -43.25 -11.65
N ALA A 840 -21.71 -43.79 -10.69
CA ALA A 840 -22.19 -44.89 -9.89
C ALA A 840 -23.36 -44.32 -9.10
N THR A 841 -24.40 -45.12 -8.93
CA THR A 841 -25.57 -44.72 -8.10
C THR A 841 -25.28 -44.89 -6.64
N GLU A 842 -26.14 -44.29 -5.81
CA GLU A 842 -26.01 -44.38 -4.39
C GLU A 842 -26.04 -45.83 -3.90
N GLU A 843 -26.88 -46.65 -4.51
CA GLU A 843 -26.98 -48.05 -4.13
C GLU A 843 -25.68 -48.78 -4.48
N GLN A 844 -25.07 -48.45 -5.63
CA GLN A 844 -23.81 -49.13 -6.01
C GLN A 844 -22.68 -48.72 -5.10
N VAL A 845 -22.64 -47.43 -4.73
CA VAL A 845 -21.63 -46.93 -3.83
C VAL A 845 -21.74 -47.59 -2.45
N ARG A 846 -22.96 -47.74 -1.99
CA ARG A 846 -23.22 -48.44 -0.75
C ARG A 846 -22.77 -49.91 -0.74
N GLU A 847 -23.19 -50.62 -1.75
CA GLU A 847 -22.72 -51.96 -1.97
C GLU A 847 -21.19 -51.98 -1.85
N ARG A 848 -20.51 -51.21 -2.69
CA ARG A 848 -19.04 -51.15 -2.67
C ARG A 848 -18.49 -50.83 -1.29
N ALA A 849 -19.14 -49.88 -0.60
CA ALA A 849 -18.64 -49.45 0.68
C ALA A 849 -18.67 -50.58 1.70
N GLY A 850 -19.70 -51.42 1.65
CA GLY A 850 -19.80 -52.54 2.58
C GLY A 850 -19.00 -53.78 2.17
N GLN A 851 -18.40 -53.77 0.98
CA GLN A 851 -17.51 -54.85 0.56
C GLN A 851 -16.12 -54.62 1.13
N GLU A 852 -15.87 -53.38 1.55
CA GLU A 852 -14.62 -52.97 2.19
C GLU A 852 -14.52 -53.45 3.62
N HIS A 853 -13.57 -54.34 3.86
CA HIS A 853 -13.34 -54.90 5.19
C HIS A 853 -13.17 -53.79 6.16
N LEU A 854 -12.42 -52.77 5.76
CA LEU A 854 -12.13 -51.64 6.62
C LEU A 854 -13.40 -50.91 7.04
N VAL A 855 -14.47 -51.01 6.25
CA VAL A 855 -15.75 -50.40 6.64
C VAL A 855 -16.60 -51.47 7.32
N ALA A 856 -16.66 -52.65 6.71
CA ALA A 856 -17.54 -53.74 7.18
C ALA A 856 -17.25 -54.09 8.65
N LYS A 857 -15.98 -54.04 9.07
CA LYS A 857 -15.62 -54.36 10.45
C LYS A 857 -16.19 -53.33 11.42
N TYR A 858 -16.64 -52.19 10.92
CA TYR A 858 -17.34 -51.21 11.77
C TYR A 858 -18.87 -51.31 11.63
N LEU A 859 -19.31 -52.19 10.74
CA LEU A 859 -20.74 -52.46 10.53
C LEU A 859 -21.20 -53.75 11.22
N ASP A 860 -20.25 -54.67 11.43
CA ASP A 860 -20.48 -55.95 12.12
C ASP A 860 -21.42 -55.88 13.32
N GLY A 861 -22.57 -56.55 13.19
CA GLY A 861 -23.54 -56.62 14.27
C GLY A 861 -23.82 -55.26 14.90
N VAL A 862 -24.25 -54.33 14.07
CA VAL A 862 -24.82 -53.05 14.54
C VAL A 862 -25.70 -52.50 13.43
N THR A 863 -26.55 -51.54 13.76
CA THR A 863 -27.60 -51.13 12.82
C THR A 863 -27.35 -49.71 12.27
N VAL A 864 -27.43 -49.63 10.95
CA VAL A 864 -27.38 -48.36 10.22
C VAL A 864 -28.69 -47.61 10.44
N ARG A 865 -28.66 -46.52 11.21
CA ARG A 865 -29.84 -45.68 11.51
C ARG A 865 -30.23 -44.79 10.33
N LYS A 866 -29.23 -44.26 9.62
CA LYS A 866 -29.46 -43.51 8.38
C LYS A 866 -28.18 -43.39 7.59
N VAL A 867 -28.27 -42.83 6.39
CA VAL A 867 -27.09 -42.60 5.58
C VAL A 867 -27.11 -41.17 5.05
N ILE A 868 -25.94 -40.54 5.02
CA ILE A 868 -25.75 -39.27 4.30
C ILE A 868 -24.84 -39.54 3.08
N TYR A 869 -25.33 -39.13 1.91
CA TYR A 869 -24.61 -39.27 0.64
C TYR A 869 -24.53 -37.92 -0.12
N VAL A 870 -23.30 -37.52 -0.40
CA VAL A 870 -23.01 -36.33 -1.24
C VAL A 870 -22.51 -36.93 -2.53
N PRO A 871 -23.35 -36.89 -3.56
CA PRO A 871 -23.05 -37.65 -4.76
C PRO A 871 -21.63 -37.56 -5.28
N GLY A 872 -21.02 -38.69 -5.58
CA GLY A 872 -19.64 -38.73 -6.06
C GLY A 872 -18.53 -38.25 -5.10
N LYS A 873 -18.84 -38.03 -3.83
CA LYS A 873 -17.93 -37.37 -2.89
C LYS A 873 -17.83 -38.09 -1.52
N LEU A 874 -18.96 -38.38 -0.88
CA LEU A 874 -18.92 -38.83 0.49
C LEU A 874 -20.17 -39.67 0.82
N LEU A 875 -19.93 -40.77 1.53
CA LEU A 875 -20.97 -41.63 2.12
C LEU A 875 -20.65 -41.77 3.62
N ASN A 876 -21.58 -41.30 4.45
CA ASN A 876 -21.46 -41.42 5.89
C ASN A 876 -22.58 -42.34 6.40
N LEU A 877 -22.18 -43.48 6.93
CA LEU A 877 -23.07 -44.46 7.52
C LEU A 877 -23.22 -44.15 8.99
N VAL A 878 -24.42 -43.73 9.40
CA VAL A 878 -24.72 -43.44 10.82
C VAL A 878 -25.27 -44.72 11.43
N VAL A 879 -24.64 -45.20 12.52
CA VAL A 879 -24.74 -46.60 12.89
C VAL A 879 -24.92 -46.82 14.40
#